data_7O84
#
_entry.id   7O84
#
_cell.length_a   81.182
_cell.length_b   47.583
_cell.length_c   116.200
_cell.angle_alpha   90.000
_cell.angle_beta   98.250
_cell.angle_gamma   90.000
#
_symmetry.space_group_name_H-M   'P 1 21 1'
#
loop_
_entity.id
_entity.type
_entity.pdbx_description
1 polymer 'Alginate lyase'
2 branched '4-deoxy-alpha-L-erythro-hex-4-enopyranuronic acid-(1-4)-alpha-L-gulopyranuronic acid-(1-4)-alpha-L-gulopyranuronic acid'
3 branched '4-deoxy-alpha-L-erythro-hex-4-enopyranuronic acid-(1-4)-alpha-L-gulopyranuronic acid-(1-4)-alpha-L-gulopyranuronic acid-(1-4)-alpha-L-gulopyranuronic acid'
4 water water
#
_entity_poly.entity_id   1
_entity_poly.type   'polypeptide(L)'
_entity_poly.pdbx_seq_one_letter_code
;SEKITDGINKTISATGNIYNISSANELNALKLQPGDKVIFKKGNWKNQQINFKANGTKEKPVVLAAEKGGETIFSGNSNL
KIDGNWLVVDGFVFKDGFSEKADVILFTKSTSNSRITNSSIINYNHPDKTFDYKWLSLNGENNRVDHCDFTGKTHQGTTL
VVWLDEKPNHHQIDHNYFGPRPALGVNGGETIRIGTSTWSMHDSYTLVENNIFDKCDGEMEIISLKSGHNTVNNNLFYEC
DGTVTFRHGNYNTVSNNYILGNGKKNTGGIRIIGENHKVFGNYLQGLDGSGLRAAISIMSALEKPQLHEYFQVINPQIVG
NIIADSKEGIDIGAGKNEKRMLPPKDGFLKNNYVINTRTVIKTENEPEGLLIENNQTDASSLPKGFTKVGSDLVKSDGIW
QKKNDVKTPFWKKEKIGPEWNNVKMN
;
_entity_poly.pdbx_strand_id   A,B
#
# COMPACT_ATOMS: atom_id res chain seq x y z
N GLY A 16 -28.98 -7.66 -24.25
CA GLY A 16 -29.04 -7.11 -22.90
C GLY A 16 -29.89 -5.86 -22.79
N ASN A 17 -29.95 -5.27 -21.58
CA ASN A 17 -30.72 -4.05 -21.32
C ASN A 17 -29.96 -2.83 -21.78
N ILE A 18 -30.68 -1.84 -22.33
CA ILE A 18 -30.04 -0.60 -22.78
C ILE A 18 -30.59 0.57 -22.00
N TYR A 19 -29.77 1.17 -21.12
CA TYR A 19 -30.21 2.29 -20.31
C TYR A 19 -29.78 3.62 -20.90
N ASN A 20 -30.60 4.65 -20.80
CA ASN A 20 -30.28 5.97 -21.36
C ASN A 20 -30.30 7.05 -20.28
N ILE A 21 -29.12 7.33 -19.67
CA ILE A 21 -28.99 8.30 -18.57
C ILE A 21 -28.36 9.63 -19.00
N SER A 22 -28.49 10.66 -18.18
CA SER A 22 -27.88 11.98 -18.39
C SER A 22 -27.29 12.54 -17.08
N SER A 23 -27.22 11.72 -16.02
CA SER A 23 -26.72 12.10 -14.71
C SER A 23 -26.10 10.92 -13.99
N ALA A 24 -25.20 11.21 -13.06
CA ALA A 24 -24.60 10.18 -12.23
C ALA A 24 -25.63 9.63 -11.23
N ASN A 25 -26.65 10.43 -10.86
CA ASN A 25 -27.74 10.06 -9.96
C ASN A 25 -28.59 8.95 -10.57
N GLU A 26 -28.82 9.00 -11.89
CA GLU A 26 -29.57 7.97 -12.61
C GLU A 26 -28.79 6.65 -12.57
N LEU A 27 -27.45 6.71 -12.80
CA LEU A 27 -26.59 5.53 -12.77
C LEU A 27 -26.65 4.85 -11.41
N ASN A 28 -26.62 5.65 -10.31
CA ASN A 28 -26.70 5.17 -8.92
C ASN A 28 -27.95 4.30 -8.69
N ALA A 29 -29.08 4.67 -9.30
CA ALA A 29 -30.33 3.94 -9.17
C ALA A 29 -30.45 2.72 -10.09
N LEU A 30 -29.50 2.53 -11.01
CA LEU A 30 -29.55 1.41 -11.94
C LEU A 30 -28.94 0.14 -11.37
N LYS A 31 -29.66 -0.98 -11.47
CA LYS A 31 -29.16 -2.28 -11.04
C LYS A 31 -28.77 -3.02 -12.30
N LEU A 32 -27.47 -2.95 -12.64
CA LEU A 32 -26.93 -3.53 -13.86
C LEU A 32 -26.54 -4.98 -13.72
N GLN A 33 -26.73 -5.77 -14.79
CA GLN A 33 -26.42 -7.19 -14.87
C GLN A 33 -25.52 -7.48 -16.09
N PRO A 34 -24.80 -8.63 -16.13
CA PRO A 34 -23.91 -8.91 -17.26
C PRO A 34 -24.55 -8.82 -18.64
N GLY A 35 -24.18 -7.78 -19.38
CA GLY A 35 -24.67 -7.57 -20.73
C GLY A 35 -25.35 -6.24 -20.96
N ASP A 36 -25.60 -5.49 -19.88
CA ASP A 36 -26.23 -4.18 -19.99
C ASP A 36 -25.28 -3.12 -20.51
N LYS A 37 -25.85 -2.11 -21.17
CA LYS A 37 -25.10 -1.01 -21.74
C LYS A 37 -25.83 0.26 -21.35
N VAL A 38 -25.17 1.09 -20.54
CA VAL A 38 -25.68 2.37 -20.07
C VAL A 38 -25.13 3.45 -20.99
N ILE A 39 -26.00 4.25 -21.60
CA ILE A 39 -25.60 5.27 -22.55
C ILE A 39 -25.82 6.66 -21.96
N PHE A 40 -24.71 7.39 -21.69
CA PHE A 40 -24.76 8.73 -21.12
C PHE A 40 -24.96 9.75 -22.24
N LYS A 41 -26.06 10.48 -22.17
CA LYS A 41 -26.50 11.45 -23.15
C LYS A 41 -25.48 12.55 -23.45
N LYS A 42 -25.40 12.88 -24.74
CA LYS A 42 -24.57 13.93 -25.33
C LYS A 42 -24.82 15.25 -24.62
N GLY A 43 -23.75 15.94 -24.27
CA GLY A 43 -23.81 17.22 -23.57
C GLY A 43 -22.63 17.43 -22.64
N ASN A 44 -22.60 18.57 -21.96
CA ASN A 44 -21.54 18.92 -21.00
C ASN A 44 -22.24 18.97 -19.65
N TRP A 45 -21.88 18.05 -18.76
CA TRP A 45 -22.47 17.86 -17.45
C TRP A 45 -21.44 18.13 -16.41
N LYS A 46 -21.74 19.05 -15.49
CA LYS A 46 -20.78 19.40 -14.46
C LYS A 46 -21.00 18.68 -13.15
N ASN A 47 -19.93 18.64 -12.33
CA ASN A 47 -19.95 18.05 -10.99
C ASN A 47 -20.51 16.64 -10.98
N GLN A 48 -20.07 15.80 -11.94
CA GLN A 48 -20.55 14.44 -12.03
C GLN A 48 -19.70 13.47 -11.21
N GLN A 49 -20.29 12.91 -10.15
CA GLN A 49 -19.59 11.91 -9.36
C GLN A 49 -20.03 10.53 -9.85
N ILE A 50 -19.32 10.03 -10.87
CA ILE A 50 -19.68 8.74 -11.49
C ILE A 50 -19.18 7.52 -10.70
N ASN A 51 -20.12 6.71 -10.19
CA ASN A 51 -19.75 5.48 -9.47
C ASN A 51 -20.22 4.29 -10.31
N PHE A 52 -19.35 3.81 -11.20
CA PHE A 52 -19.70 2.69 -12.06
C PHE A 52 -19.39 1.39 -11.32
N LYS A 53 -20.36 0.96 -10.48
CA LYS A 53 -20.32 -0.25 -9.67
C LYS A 53 -21.25 -1.30 -10.31
N ALA A 54 -20.68 -2.36 -10.89
CA ALA A 54 -21.38 -3.45 -11.57
C ALA A 54 -20.44 -4.64 -11.83
N ASN A 55 -20.99 -5.83 -12.04
CA ASN A 55 -20.21 -7.03 -12.30
C ASN A 55 -20.76 -7.70 -13.56
N GLY A 56 -19.94 -7.75 -14.59
CA GLY A 56 -20.30 -8.41 -15.83
C GLY A 56 -19.57 -9.74 -15.96
N THR A 57 -19.56 -10.30 -17.18
CA THR A 57 -18.85 -11.56 -17.47
C THR A 57 -17.96 -11.37 -18.72
N LYS A 58 -17.14 -12.38 -19.06
CA LYS A 58 -16.26 -12.33 -20.22
C LYS A 58 -17.07 -12.32 -21.51
N GLU A 59 -18.21 -13.04 -21.53
CA GLU A 59 -19.08 -13.10 -22.69
C GLU A 59 -20.02 -11.90 -22.73
N LYS A 60 -20.59 -11.53 -21.59
CA LYS A 60 -21.50 -10.40 -21.49
C LYS A 60 -20.96 -9.30 -20.56
N PRO A 61 -20.16 -8.35 -21.05
CA PRO A 61 -19.66 -7.28 -20.17
C PRO A 61 -20.65 -6.14 -19.95
N VAL A 62 -20.46 -5.33 -18.88
CA VAL A 62 -21.32 -4.16 -18.61
C VAL A 62 -20.61 -2.87 -19.10
N VAL A 63 -21.15 -2.26 -20.13
CA VAL A 63 -20.59 -1.06 -20.74
C VAL A 63 -21.29 0.22 -20.28
N LEU A 64 -20.51 1.27 -20.01
CA LEU A 64 -20.96 2.61 -19.72
C LEU A 64 -20.35 3.39 -20.84
N ALA A 65 -21.15 3.77 -21.81
CA ALA A 65 -20.67 4.46 -22.99
C ALA A 65 -21.28 5.83 -23.20
N ALA A 66 -20.57 6.70 -23.91
CA ALA A 66 -21.08 8.01 -24.27
C ALA A 66 -21.94 7.81 -25.55
N GLU A 67 -23.04 8.59 -25.71
CA GLU A 67 -23.97 8.53 -26.85
C GLU A 67 -23.21 8.57 -28.19
N LYS A 68 -22.15 9.38 -28.23
CA LYS A 68 -21.22 9.55 -29.33
C LYS A 68 -19.91 9.96 -28.65
N GLY A 69 -18.84 9.21 -28.89
CA GLY A 69 -17.54 9.43 -28.30
C GLY A 69 -17.00 10.84 -28.47
N GLY A 70 -16.57 11.43 -27.37
CA GLY A 70 -16.11 12.80 -27.38
C GLY A 70 -17.21 13.83 -27.21
N GLU A 71 -18.48 13.38 -27.19
CA GLU A 71 -19.61 14.30 -27.05
C GLU A 71 -20.28 14.24 -25.67
N THR A 72 -19.73 13.46 -24.71
CA THR A 72 -20.24 13.49 -23.33
C THR A 72 -19.10 14.03 -22.47
N ILE A 73 -19.21 15.30 -22.10
CA ILE A 73 -18.20 16.01 -21.32
C ILE A 73 -18.54 16.09 -19.85
N PHE A 74 -17.56 15.79 -19.00
CA PHE A 74 -17.70 15.93 -17.59
C PHE A 74 -16.78 17.06 -17.21
N SER A 75 -17.37 18.21 -16.92
CA SER A 75 -16.69 19.44 -16.49
C SER A 75 -16.93 19.68 -14.97
N GLY A 76 -16.40 20.78 -14.44
CA GLY A 76 -16.52 21.11 -13.04
C GLY A 76 -15.72 20.12 -12.22
N ASN A 77 -16.26 19.71 -11.07
CA ASN A 77 -15.60 18.72 -10.24
C ASN A 77 -16.21 17.34 -10.51
N SER A 78 -15.73 16.66 -11.54
CA SER A 78 -16.25 15.34 -11.91
C SER A 78 -15.19 14.26 -11.69
N ASN A 79 -15.63 13.07 -11.31
CA ASN A 79 -14.73 11.95 -11.06
C ASN A 79 -15.38 10.66 -11.51
N LEU A 80 -14.56 9.72 -11.94
CA LEU A 80 -15.03 8.40 -12.35
C LEU A 80 -14.38 7.36 -11.47
N LYS A 81 -15.17 6.41 -11.00
CA LYS A 81 -14.76 5.27 -10.22
C LYS A 81 -15.24 4.03 -10.96
N ILE A 82 -14.34 3.14 -11.27
CA ILE A 82 -14.61 1.88 -11.93
C ILE A 82 -14.38 0.81 -10.85
N ASP A 83 -15.48 0.26 -10.33
CA ASP A 83 -15.52 -0.68 -9.21
C ASP A 83 -16.30 -1.93 -9.54
N GLY A 84 -15.60 -2.94 -10.04
CA GLY A 84 -16.25 -4.19 -10.40
C GLY A 84 -15.46 -5.11 -11.32
N ASN A 85 -16.15 -6.00 -12.02
CA ASN A 85 -15.48 -6.95 -12.92
C ASN A 85 -16.08 -6.91 -14.31
N TRP A 86 -15.24 -7.04 -15.36
CA TRP A 86 -15.69 -7.03 -16.76
C TRP A 86 -16.44 -5.75 -17.16
N LEU A 87 -16.03 -4.60 -16.61
CA LEU A 87 -16.64 -3.30 -16.91
C LEU A 87 -15.93 -2.59 -18.02
N VAL A 88 -16.67 -1.88 -18.86
CA VAL A 88 -16.09 -1.13 -19.95
C VAL A 88 -16.60 0.31 -19.89
N VAL A 89 -15.68 1.29 -19.86
CA VAL A 89 -16.00 2.71 -19.91
C VAL A 89 -15.52 3.16 -21.28
N ASP A 90 -16.37 3.86 -22.06
CA ASP A 90 -16.03 4.23 -23.42
C ASP A 90 -16.62 5.56 -23.91
N GLY A 91 -15.75 6.45 -24.38
CA GLY A 91 -16.10 7.72 -25.02
C GLY A 91 -16.23 8.99 -24.23
N PHE A 92 -15.82 9.01 -22.95
CA PHE A 92 -15.99 10.20 -22.11
C PHE A 92 -14.83 11.22 -22.08
N VAL A 93 -15.14 12.51 -21.88
CA VAL A 93 -14.11 13.56 -21.84
C VAL A 93 -14.18 14.34 -20.53
N PHE A 94 -13.06 14.46 -19.84
CA PHE A 94 -12.93 15.25 -18.64
C PHE A 94 -12.12 16.50 -19.01
N LYS A 95 -12.78 17.66 -18.99
CA LYS A 95 -12.14 18.94 -19.29
C LYS A 95 -12.87 20.07 -18.56
N ASP A 96 -12.33 21.31 -18.58
CA ASP A 96 -12.95 22.48 -17.94
C ASP A 96 -13.38 22.22 -16.51
N GLY A 97 -12.43 21.76 -15.73
CA GLY A 97 -12.68 21.41 -14.33
C GLY A 97 -11.46 20.83 -13.67
N PHE A 98 -11.68 20.21 -12.53
CA PHE A 98 -10.61 19.64 -11.73
C PHE A 98 -11.17 18.75 -10.62
N SER A 99 -10.33 17.90 -10.04
CA SER A 99 -10.75 17.08 -8.93
C SER A 99 -10.59 17.88 -7.63
N GLU A 100 -11.57 17.81 -6.73
CA GLU A 100 -11.49 18.51 -5.45
C GLU A 100 -10.57 17.75 -4.49
N LYS A 101 -10.56 16.40 -4.57
CA LYS A 101 -9.72 15.60 -3.72
C LYS A 101 -9.21 14.34 -4.43
N ALA A 102 -10.13 13.52 -4.95
CA ALA A 102 -9.83 12.21 -5.52
C ALA A 102 -9.10 12.23 -6.89
N ASP A 103 -8.50 11.10 -7.30
CA ASP A 103 -7.94 10.94 -8.62
C ASP A 103 -9.10 11.08 -9.64
N VAL A 104 -8.82 11.61 -10.84
CA VAL A 104 -9.90 11.86 -11.80
C VAL A 104 -10.62 10.58 -12.19
N ILE A 105 -9.85 9.54 -12.55
CA ILE A 105 -10.37 8.23 -12.92
C ILE A 105 -9.68 7.20 -12.07
N LEU A 106 -10.47 6.36 -11.42
CA LEU A 106 -9.95 5.36 -10.52
C LEU A 106 -10.49 3.97 -10.80
N PHE A 107 -9.63 2.94 -10.72
CA PHE A 107 -9.99 1.53 -10.77
C PHE A 107 -9.73 1.10 -9.36
N THR A 108 -10.78 0.71 -8.64
CA THR A 108 -10.64 0.26 -7.25
C THR A 108 -9.80 -1.03 -7.16
N LYS A 109 -9.33 -1.37 -5.95
CA LYS A 109 -8.56 -2.60 -5.68
C LYS A 109 -9.36 -3.87 -5.94
N SER A 110 -10.70 -3.77 -5.99
CA SER A 110 -11.67 -4.85 -6.23
C SER A 110 -12.01 -5.01 -7.71
N THR A 111 -11.31 -4.32 -8.61
CA THR A 111 -11.58 -4.33 -10.02
C THR A 111 -10.63 -5.21 -10.78
N SER A 112 -11.21 -6.01 -11.70
CA SER A 112 -10.47 -6.94 -12.54
C SER A 112 -11.09 -7.02 -13.91
N ASN A 113 -10.27 -7.27 -14.93
CA ASN A 113 -10.72 -7.42 -16.30
C ASN A 113 -11.57 -6.24 -16.80
N SER A 114 -11.38 -5.05 -16.20
CA SER A 114 -12.10 -3.86 -16.60
C SER A 114 -11.27 -3.01 -17.56
N ARG A 115 -11.96 -2.14 -18.30
CA ARG A 115 -11.35 -1.38 -19.35
C ARG A 115 -11.86 0.03 -19.47
N ILE A 116 -10.97 0.95 -19.83
CA ILE A 116 -11.36 2.32 -20.17
C ILE A 116 -10.77 2.58 -21.55
N THR A 117 -11.63 2.98 -22.51
CA THR A 117 -11.23 3.26 -23.88
C THR A 117 -11.87 4.55 -24.41
N ASN A 118 -11.30 5.11 -25.50
CA ASN A 118 -11.80 6.33 -26.17
C ASN A 118 -12.12 7.47 -25.21
N SER A 119 -11.32 7.64 -24.17
CA SER A 119 -11.61 8.64 -23.14
C SER A 119 -10.53 9.69 -23.01
N SER A 120 -10.86 10.88 -22.49
CA SER A 120 -9.87 11.94 -22.37
C SER A 120 -9.87 12.64 -21.06
N ILE A 121 -8.69 13.13 -20.64
CA ILE A 121 -8.49 14.02 -19.49
C ILE A 121 -7.62 15.14 -20.03
N ILE A 122 -8.24 16.31 -20.23
CA ILE A 122 -7.64 17.47 -20.87
C ILE A 122 -7.59 18.71 -19.97
N ASN A 123 -6.37 19.10 -19.59
CA ASN A 123 -6.08 20.27 -18.76
C ASN A 123 -6.97 20.37 -17.54
N TYR A 124 -7.26 19.22 -16.93
CA TYR A 124 -8.13 19.05 -15.77
C TYR A 124 -7.35 19.38 -14.49
N ASN A 125 -6.84 20.59 -14.44
CA ASN A 125 -5.94 21.05 -13.41
C ASN A 125 -6.57 21.80 -12.26
N HIS A 126 -6.21 21.38 -11.05
CA HIS A 126 -6.65 22.06 -9.85
C HIS A 126 -6.03 23.49 -9.84
N PRO A 127 -6.75 24.53 -9.38
CA PRO A 127 -6.13 25.87 -9.33
C PRO A 127 -4.79 25.92 -8.61
N ASP A 128 -4.55 24.98 -7.65
CA ASP A 128 -3.31 24.91 -6.86
C ASP A 128 -2.33 23.91 -7.48
N LYS A 129 -1.19 24.40 -7.99
CA LYS A 129 -0.13 23.61 -8.60
C LYS A 129 0.45 22.56 -7.67
N THR A 130 0.44 22.78 -6.35
CA THR A 130 0.94 21.82 -5.37
C THR A 130 -0.10 20.76 -4.96
N PHE A 131 -1.39 20.96 -5.31
CA PHE A 131 -2.44 20.00 -4.93
C PHE A 131 -2.29 18.71 -5.71
N ASP A 132 -2.11 17.59 -4.98
CA ASP A 132 -1.83 16.26 -5.54
C ASP A 132 -3.03 15.33 -5.73
N TYR A 133 -3.19 14.91 -6.98
CA TYR A 133 -4.09 13.88 -7.43
C TYR A 133 -3.64 13.38 -8.80
N LYS A 134 -3.84 12.12 -9.02
CA LYS A 134 -3.49 11.45 -10.26
C LYS A 134 -4.67 11.60 -11.21
N TRP A 135 -4.38 11.50 -12.50
CA TRP A 135 -5.42 11.56 -13.51
C TRP A 135 -6.00 10.20 -13.70
N LEU A 136 -5.16 9.16 -13.80
CA LEU A 136 -5.69 7.80 -13.84
C LEU A 136 -4.96 6.93 -12.87
N SER A 137 -5.71 6.23 -11.99
CA SER A 137 -5.13 5.31 -11.03
C SER A 137 -5.56 3.86 -11.25
N LEU A 138 -4.58 2.99 -11.47
CA LEU A 138 -4.80 1.57 -11.69
C LEU A 138 -4.54 0.73 -10.42
N ASN A 139 -5.51 -0.11 -10.08
CA ASN A 139 -5.44 -1.04 -8.95
C ASN A 139 -6.05 -2.34 -9.42
N GLY A 140 -5.88 -3.40 -8.64
CA GLY A 140 -6.46 -4.69 -8.99
C GLY A 140 -5.65 -5.42 -10.03
N GLU A 141 -6.34 -6.04 -11.02
CA GLU A 141 -5.59 -6.78 -12.01
C GLU A 141 -6.31 -7.05 -13.32
N ASN A 142 -5.51 -7.18 -14.40
CA ASN A 142 -5.99 -7.38 -15.78
C ASN A 142 -6.83 -6.23 -16.29
N ASN A 143 -6.54 -5.01 -15.79
CA ASN A 143 -7.24 -3.83 -16.24
C ASN A 143 -6.55 -3.21 -17.44
N ARG A 144 -7.34 -2.56 -18.28
CA ARG A 144 -6.85 -1.98 -19.50
C ARG A 144 -7.22 -0.52 -19.65
N VAL A 145 -6.23 0.29 -20.04
CA VAL A 145 -6.40 1.69 -20.37
C VAL A 145 -5.94 1.79 -21.78
N ASP A 146 -6.85 2.05 -22.70
CA ASP A 146 -6.46 2.14 -24.09
C ASP A 146 -7.21 3.22 -24.85
N HIS A 147 -6.66 3.68 -25.98
CA HIS A 147 -7.24 4.70 -26.85
C HIS A 147 -7.72 5.91 -26.09
N CYS A 148 -6.93 6.34 -25.13
CA CYS A 148 -7.27 7.48 -24.29
C CYS A 148 -6.32 8.65 -24.52
N ASP A 149 -6.74 9.86 -24.18
CA ASP A 149 -5.93 11.06 -24.37
C ASP A 149 -5.72 11.69 -23.00
N PHE A 150 -4.47 11.77 -22.52
CA PHE A 150 -4.20 12.40 -21.22
C PHE A 150 -3.26 13.57 -21.46
N THR A 151 -3.79 14.80 -21.56
CA THR A 151 -2.97 15.96 -21.90
C THR A 151 -3.12 17.21 -21.03
N GLY A 152 -2.00 17.82 -20.67
CA GLY A 152 -1.93 19.11 -19.99
C GLY A 152 -1.90 19.18 -18.49
N LYS A 153 -1.27 18.22 -17.79
CA LYS A 153 -1.23 18.24 -16.33
C LYS A 153 -0.23 19.25 -15.80
N THR A 154 -0.74 20.27 -15.11
CA THR A 154 0.09 21.36 -14.56
C THR A 154 0.32 21.28 -13.06
N HIS A 155 -0.50 20.49 -12.36
CA HIS A 155 -0.44 20.36 -10.92
C HIS A 155 0.24 19.05 -10.50
N GLN A 156 0.72 19.01 -9.24
CA GLN A 156 1.39 17.91 -8.53
C GLN A 156 0.73 16.54 -8.77
N GLY A 157 1.56 15.52 -8.95
CA GLY A 157 1.06 14.16 -9.14
C GLY A 157 1.36 13.59 -10.50
N THR A 158 1.66 12.28 -10.53
CA THR A 158 1.90 11.50 -11.72
C THR A 158 0.60 11.43 -12.50
N THR A 159 0.67 11.54 -13.84
CA THR A 159 -0.53 11.48 -14.68
C THR A 159 -1.28 10.15 -14.51
N LEU A 160 -0.59 9.00 -14.74
CA LEU A 160 -1.19 7.66 -14.67
C LEU A 160 -0.35 6.82 -13.75
N VAL A 161 -0.99 6.20 -12.73
CA VAL A 161 -0.25 5.40 -11.77
C VAL A 161 -0.69 3.95 -11.75
N VAL A 162 0.27 3.03 -11.66
CA VAL A 162 -0.03 1.63 -11.42
C VAL A 162 0.34 1.47 -9.96
N TRP A 163 -0.65 1.24 -9.11
CA TRP A 163 -0.42 1.06 -7.69
C TRP A 163 -0.21 -0.41 -7.48
N LEU A 164 0.93 -0.74 -6.95
CA LEU A 164 1.28 -2.11 -6.68
C LEU A 164 0.52 -2.70 -5.49
N ASP A 165 0.30 -4.00 -5.55
CA ASP A 165 -0.30 -4.77 -4.48
C ASP A 165 0.50 -6.06 -4.27
N GLU A 166 0.02 -6.99 -3.44
CA GLU A 166 0.70 -8.24 -3.11
C GLU A 166 0.80 -9.24 -4.29
N LYS A 167 -0.14 -9.22 -5.22
CA LYS A 167 -0.08 -10.10 -6.39
C LYS A 167 0.15 -9.29 -7.70
N PRO A 168 0.91 -9.82 -8.70
CA PRO A 168 1.09 -9.06 -9.96
C PRO A 168 -0.22 -8.57 -10.59
N ASN A 169 -0.19 -7.39 -11.22
CA ASN A 169 -1.41 -6.81 -11.77
C ASN A 169 -1.69 -7.18 -13.22
N HIS A 170 -0.68 -7.30 -14.07
CA HIS A 170 -0.91 -7.63 -15.50
C HIS A 170 -1.78 -6.59 -16.19
N HIS A 171 -1.67 -5.31 -15.77
CA HIS A 171 -2.44 -4.25 -16.41
C HIS A 171 -1.87 -4.00 -17.82
N GLN A 172 -2.70 -3.42 -18.68
CA GLN A 172 -2.30 -3.10 -20.03
C GLN A 172 -2.62 -1.66 -20.36
N ILE A 173 -1.62 -0.91 -20.73
CA ILE A 173 -1.78 0.51 -21.09
C ILE A 173 -1.35 0.58 -22.53
N ASP A 174 -2.31 0.76 -23.45
CA ASP A 174 -1.97 0.73 -24.87
C ASP A 174 -2.72 1.72 -25.73
N HIS A 175 -2.12 2.10 -26.85
CA HIS A 175 -2.68 3.01 -27.87
C HIS A 175 -3.27 4.28 -27.33
N ASN A 176 -2.70 4.82 -26.25
CA ASN A 176 -3.13 6.10 -25.69
C ASN A 176 -2.18 7.20 -26.16
N TYR A 177 -2.67 8.42 -26.12
CA TYR A 177 -1.90 9.59 -26.43
C TYR A 177 -1.68 10.36 -25.14
N PHE A 178 -0.43 10.49 -24.70
CA PHE A 178 -0.13 11.30 -23.53
C PHE A 178 0.49 12.54 -24.18
N GLY A 179 -0.23 13.65 -24.17
CA GLY A 179 0.22 14.88 -24.78
C GLY A 179 1.03 15.74 -23.86
N PRO A 180 1.25 16.99 -24.28
CA PRO A 180 2.12 17.90 -23.51
C PRO A 180 1.89 17.99 -21.99
N ARG A 181 3.01 17.83 -21.24
CA ARG A 181 3.00 18.02 -19.79
C ARG A 181 4.08 19.03 -19.41
N PRO A 182 3.70 20.22 -18.94
CA PRO A 182 4.71 21.21 -18.54
C PRO A 182 5.57 20.73 -17.39
N ALA A 183 6.79 21.29 -17.27
CA ALA A 183 7.68 20.90 -16.19
C ALA A 183 7.09 21.31 -14.84
N LEU A 184 7.06 20.36 -13.90
CA LEU A 184 6.49 20.58 -12.57
C LEU A 184 7.52 21.22 -11.62
N GLY A 185 8.80 20.88 -11.78
CA GLY A 185 9.87 21.47 -10.98
C GLY A 185 10.20 20.72 -9.70
N VAL A 186 9.51 19.61 -9.45
CA VAL A 186 9.67 18.73 -8.28
C VAL A 186 9.29 17.29 -8.69
N ASN A 187 9.57 16.29 -7.84
CA ASN A 187 9.15 14.91 -8.13
C ASN A 187 7.62 14.82 -8.01
N GLY A 188 7.06 13.88 -8.76
CA GLY A 188 5.61 13.72 -8.86
C GLY A 188 5.08 14.25 -10.17
N GLY A 189 5.96 14.45 -11.15
CA GLY A 189 5.57 14.95 -12.45
C GLY A 189 5.74 13.92 -13.55
N GLU A 190 5.75 12.63 -13.22
CA GLU A 190 5.89 11.58 -14.21
C GLU A 190 4.62 11.44 -15.02
N THR A 191 4.76 10.82 -16.18
CA THR A 191 3.63 10.50 -17.00
C THR A 191 3.05 9.17 -16.50
N ILE A 192 3.93 8.19 -16.26
CA ILE A 192 3.49 6.88 -15.77
C ILE A 192 4.44 6.45 -14.71
N ARG A 193 3.91 6.09 -13.55
CA ARG A 193 4.72 5.51 -12.47
C ARG A 193 4.17 4.13 -12.23
N ILE A 194 5.01 3.08 -12.35
CA ILE A 194 4.60 1.70 -12.13
C ILE A 194 5.21 1.23 -10.83
N GLY A 195 4.53 1.51 -9.72
CA GLY A 195 5.01 1.16 -8.40
C GLY A 195 5.68 2.29 -7.63
N THR A 196 5.97 2.05 -6.37
CA THR A 196 6.71 2.92 -5.45
C THR A 196 7.84 2.08 -4.85
N SER A 197 8.91 2.71 -4.37
CA SER A 197 10.05 2.00 -3.77
C SER A 197 9.66 0.97 -2.69
N THR A 198 8.55 1.20 -1.96
CA THR A 198 8.09 0.22 -0.95
C THR A 198 7.72 -1.13 -1.60
N TRP A 199 7.14 -1.06 -2.79
CA TRP A 199 6.72 -2.27 -3.50
C TRP A 199 7.66 -2.67 -4.63
N SER A 200 8.88 -2.12 -4.68
CA SER A 200 9.81 -2.34 -5.79
C SER A 200 10.27 -3.78 -5.97
N MET A 201 10.30 -4.56 -4.88
CA MET A 201 10.69 -5.96 -4.97
C MET A 201 9.54 -6.90 -5.33
N HIS A 202 8.34 -6.33 -5.63
CA HIS A 202 7.17 -7.04 -6.06
C HIS A 202 7.05 -7.05 -7.57
N ASP A 203 6.49 -8.12 -8.12
CA ASP A 203 6.25 -8.21 -9.54
C ASP A 203 4.97 -7.48 -9.90
N SER A 204 5.01 -6.69 -10.96
CA SER A 204 3.87 -5.94 -11.43
C SER A 204 3.33 -6.59 -12.69
N TYR A 205 4.22 -6.97 -13.60
CA TYR A 205 3.82 -7.54 -14.89
C TYR A 205 2.93 -6.60 -15.71
N THR A 206 3.22 -5.29 -15.68
CA THR A 206 2.44 -4.28 -16.43
C THR A 206 3.02 -4.11 -17.83
N LEU A 207 2.18 -3.85 -18.80
CA LEU A 207 2.60 -3.65 -20.18
C LEU A 207 2.15 -2.26 -20.68
N VAL A 208 3.13 -1.49 -21.18
CA VAL A 208 2.90 -0.17 -21.75
C VAL A 208 3.36 -0.33 -23.17
N GLU A 209 2.42 -0.29 -24.08
CA GLU A 209 2.66 -0.60 -25.47
C GLU A 209 1.89 0.24 -26.44
N ASN A 210 2.55 0.70 -27.50
CA ASN A 210 1.95 1.43 -28.59
C ASN A 210 1.29 2.72 -28.19
N ASN A 211 1.85 3.40 -27.20
CA ASN A 211 1.39 4.71 -26.80
C ASN A 211 2.36 5.75 -27.34
N ILE A 212 1.88 7.00 -27.40
CA ILE A 212 2.66 8.15 -27.82
C ILE A 212 2.77 9.01 -26.59
N PHE A 213 3.98 9.44 -26.28
CA PHE A 213 4.29 10.34 -25.20
C PHE A 213 4.85 11.56 -25.92
N ASP A 214 3.98 12.52 -26.18
CA ASP A 214 4.31 13.74 -26.91
C ASP A 214 4.58 14.95 -25.99
N LYS A 215 5.86 15.31 -25.83
CA LYS A 215 6.30 16.48 -25.07
C LYS A 215 5.98 16.40 -23.60
N CYS A 216 6.18 15.20 -23.04
CA CYS A 216 5.95 14.93 -21.63
C CYS A 216 7.19 15.38 -20.88
N ASP A 217 7.17 16.65 -20.48
CA ASP A 217 8.29 17.31 -19.80
C ASP A 217 8.10 17.46 -18.30
N GLY A 218 7.16 16.72 -17.71
CA GLY A 218 6.83 16.82 -16.30
C GLY A 218 8.00 16.80 -15.34
N GLU A 219 8.97 15.91 -15.59
CA GLU A 219 10.14 15.80 -14.75
C GLU A 219 11.20 14.87 -15.36
N MET A 220 12.26 14.48 -14.60
CA MET A 220 13.35 13.62 -15.03
C MET A 220 12.83 12.34 -15.64
N GLU A 221 11.80 11.77 -15.04
CA GLU A 221 11.23 10.52 -15.52
C GLU A 221 9.89 10.67 -16.18
N ILE A 222 9.85 10.36 -17.49
CA ILE A 222 8.63 10.28 -18.29
C ILE A 222 7.90 9.05 -17.74
N ILE A 223 8.62 7.91 -17.65
CA ILE A 223 8.13 6.67 -17.07
C ILE A 223 9.06 6.31 -15.93
N SER A 224 8.50 5.95 -14.77
CA SER A 224 9.29 5.50 -13.64
C SER A 224 8.89 4.07 -13.23
N LEU A 225 9.80 3.13 -13.44
CA LEU A 225 9.57 1.74 -13.07
C LEU A 225 10.10 1.55 -11.65
N LYS A 226 9.21 1.22 -10.70
CA LYS A 226 9.56 0.99 -9.29
C LYS A 226 8.96 -0.32 -8.81
N SER A 227 9.09 -1.35 -9.64
CA SER A 227 8.59 -2.70 -9.45
C SER A 227 9.20 -3.63 -10.53
N GLY A 228 8.94 -4.94 -10.48
CA GLY A 228 9.52 -5.90 -11.41
C GLY A 228 8.61 -6.49 -12.48
N HIS A 229 9.25 -7.14 -13.48
CA HIS A 229 8.69 -7.87 -14.62
C HIS A 229 7.76 -7.03 -15.54
N ASN A 230 8.08 -5.74 -15.69
CA ASN A 230 7.27 -4.82 -16.49
C ASN A 230 7.79 -4.75 -17.92
N THR A 231 6.91 -4.41 -18.87
CA THR A 231 7.34 -4.27 -20.25
C THR A 231 6.86 -2.98 -20.88
N VAL A 232 7.83 -2.10 -21.22
CA VAL A 232 7.66 -0.86 -21.95
C VAL A 232 8.10 -1.24 -23.35
N ASN A 233 7.12 -1.53 -24.22
CA ASN A 233 7.37 -2.00 -25.58
C ASN A 233 6.72 -1.17 -26.69
N ASN A 234 7.49 -0.93 -27.74
CA ASN A 234 7.01 -0.28 -28.94
C ASN A 234 6.20 1.03 -28.72
N ASN A 235 6.75 2.02 -28.02
CA ASN A 235 6.09 3.31 -27.81
C ASN A 235 6.91 4.42 -28.50
N LEU A 236 6.32 5.62 -28.66
CA LEU A 236 7.04 6.76 -29.19
C LEU A 236 7.11 7.80 -28.09
N PHE A 237 8.34 8.25 -27.75
CA PHE A 237 8.56 9.34 -26.81
C PHE A 237 9.11 10.49 -27.64
N TYR A 238 8.21 11.31 -28.16
CA TYR A 238 8.55 12.40 -29.05
C TYR A 238 8.76 13.73 -28.37
N GLU A 239 10.00 14.25 -28.43
CA GLU A 239 10.38 15.54 -27.84
C GLU A 239 10.02 15.62 -26.38
N CYS A 240 10.39 14.58 -25.62
CA CYS A 240 10.08 14.47 -24.20
C CYS A 240 11.28 14.90 -23.34
N ASP A 241 11.14 15.96 -22.55
CA ASP A 241 12.21 16.39 -21.64
C ASP A 241 12.24 15.43 -20.44
N GLY A 242 13.00 14.36 -20.60
CA GLY A 242 13.14 13.32 -19.60
C GLY A 242 13.62 12.01 -20.18
N THR A 243 13.53 10.97 -19.36
CA THR A 243 14.02 9.61 -19.63
C THR A 243 12.97 8.53 -19.26
N VAL A 244 13.20 7.31 -19.73
CA VAL A 244 12.46 6.16 -19.28
C VAL A 244 13.42 5.59 -18.26
N THR A 245 13.07 5.69 -16.97
CA THR A 245 13.97 5.23 -15.93
C THR A 245 13.51 3.96 -15.26
N PHE A 246 14.45 2.99 -15.15
CA PHE A 246 14.32 1.75 -14.39
C PHE A 246 14.73 2.26 -12.98
N ARG A 247 13.78 2.84 -12.21
CA ARG A 247 14.11 3.45 -10.92
C ARG A 247 14.45 2.44 -9.82
N HIS A 248 13.51 1.55 -9.51
CA HIS A 248 13.70 0.47 -8.54
C HIS A 248 13.07 -0.81 -9.13
N GLY A 249 13.49 -1.97 -8.65
CA GLY A 249 12.94 -3.23 -9.15
C GLY A 249 13.83 -3.89 -10.18
N ASN A 250 13.59 -5.18 -10.45
CA ASN A 250 14.40 -5.99 -11.36
C ASN A 250 13.55 -6.65 -12.45
N TYR A 251 14.23 -7.28 -13.46
CA TYR A 251 13.59 -7.99 -14.57
C TYR A 251 12.59 -7.16 -15.39
N ASN A 252 12.87 -5.85 -15.54
CA ASN A 252 12.03 -4.99 -16.36
C ASN A 252 12.61 -4.98 -17.77
N THR A 253 11.77 -4.72 -18.75
CA THR A 253 12.17 -4.65 -20.15
C THR A 253 11.71 -3.34 -20.79
N VAL A 254 12.65 -2.72 -21.52
CA VAL A 254 12.42 -1.51 -22.31
C VAL A 254 12.88 -1.86 -23.75
N SER A 255 11.92 -2.17 -24.62
CA SER A 255 12.22 -2.64 -25.95
C SER A 255 11.43 -2.05 -27.11
N ASN A 256 12.08 -1.88 -28.26
CA ASN A 256 11.46 -1.46 -29.52
C ASN A 256 10.82 -0.07 -29.46
N ASN A 257 11.25 0.78 -28.53
CA ASN A 257 10.70 2.12 -28.41
C ASN A 257 11.46 3.11 -29.26
N TYR A 258 10.78 4.20 -29.65
CA TYR A 258 11.38 5.26 -30.42
C TYR A 258 11.45 6.41 -29.49
N ILE A 259 12.65 6.78 -29.08
CA ILE A 259 12.83 7.94 -28.21
C ILE A 259 13.44 8.98 -29.12
N LEU A 260 12.58 9.81 -29.69
CA LEU A 260 12.96 10.78 -30.69
C LEU A 260 12.89 12.19 -30.12
N GLY A 261 13.99 12.65 -29.53
CA GLY A 261 14.07 13.98 -28.93
C GLY A 261 13.96 15.12 -29.93
N ASN A 262 14.29 14.85 -31.21
CA ASN A 262 14.26 15.84 -32.28
C ASN A 262 15.14 17.07 -31.99
N GLY A 263 16.24 16.84 -31.27
CA GLY A 263 17.19 17.86 -30.88
C GLY A 263 16.79 18.73 -29.70
N LYS A 264 15.57 18.54 -29.18
CA LYS A 264 15.06 19.35 -28.05
C LYS A 264 15.89 19.20 -26.78
N LYS A 265 16.18 20.35 -26.12
CA LYS A 265 16.98 20.50 -24.92
C LYS A 265 16.63 19.56 -23.75
N ASN A 266 17.65 18.79 -23.34
CA ASN A 266 17.71 17.81 -22.27
C ASN A 266 16.85 16.56 -22.52
N THR A 267 16.48 16.29 -23.78
CA THR A 267 15.77 15.04 -24.11
C THR A 267 16.72 13.86 -23.81
N GLY A 268 16.29 12.98 -22.91
CA GLY A 268 17.13 11.87 -22.48
C GLY A 268 16.70 10.53 -23.03
N GLY A 269 17.42 9.48 -22.68
CA GLY A 269 17.08 8.15 -23.15
C GLY A 269 16.54 7.19 -22.09
N ILE A 270 17.24 6.08 -21.93
CA ILE A 270 16.90 5.00 -21.00
C ILE A 270 17.89 4.99 -19.84
N ARG A 271 17.40 4.96 -18.60
CA ARG A 271 18.26 4.99 -17.43
C ARG A 271 18.17 3.70 -16.61
N ILE A 272 19.24 2.93 -16.59
CA ILE A 272 19.31 1.63 -15.95
C ILE A 272 19.87 1.67 -14.54
N ILE A 273 19.12 1.09 -13.63
CA ILE A 273 19.42 0.86 -12.21
C ILE A 273 18.80 -0.53 -11.92
N GLY A 274 19.41 -1.30 -11.03
CA GLY A 274 18.86 -2.60 -10.67
C GLY A 274 19.32 -3.78 -11.50
N GLU A 275 18.66 -4.92 -11.28
CA GLU A 275 19.10 -6.19 -11.86
C GLU A 275 18.25 -6.79 -12.99
N ASN A 276 18.94 -7.55 -13.85
CA ASN A 276 18.38 -8.37 -14.94
C ASN A 276 17.42 -7.65 -15.87
N HIS A 277 17.77 -6.44 -16.26
CA HIS A 277 16.97 -5.64 -17.16
C HIS A 277 17.36 -5.86 -18.61
N LYS A 278 16.41 -5.71 -19.50
CA LYS A 278 16.64 -5.85 -20.92
C LYS A 278 16.27 -4.52 -21.57
N VAL A 279 17.16 -4.07 -22.45
CA VAL A 279 17.09 -2.82 -23.21
C VAL A 279 17.44 -3.23 -24.64
N PHE A 280 16.45 -3.46 -25.50
CA PHE A 280 16.75 -3.92 -26.86
C PHE A 280 15.86 -3.33 -27.94
N GLY A 281 16.39 -3.22 -29.16
CA GLY A 281 15.71 -2.73 -30.35
C GLY A 281 15.18 -1.31 -30.29
N ASN A 282 15.73 -0.48 -29.41
CA ASN A 282 15.26 0.90 -29.28
C ASN A 282 15.97 1.83 -30.23
N TYR A 283 15.23 2.81 -30.76
CA TYR A 283 15.76 3.86 -31.62
C TYR A 283 15.86 5.05 -30.70
N LEU A 284 17.09 5.51 -30.42
CA LEU A 284 17.39 6.59 -29.49
C LEU A 284 18.05 7.68 -30.29
N GLN A 285 17.23 8.60 -30.81
CA GLN A 285 17.75 9.58 -31.73
C GLN A 285 17.39 11.03 -31.43
N GLY A 286 18.33 11.91 -31.75
CA GLY A 286 18.20 13.35 -31.56
C GLY A 286 18.09 13.71 -30.10
N LEU A 287 18.92 13.07 -29.29
CA LEU A 287 18.91 13.30 -27.85
C LEU A 287 19.92 14.34 -27.42
N ASP A 288 19.45 15.32 -26.66
CA ASP A 288 20.32 16.36 -26.15
C ASP A 288 20.95 16.01 -24.77
N GLY A 289 20.49 14.94 -24.14
CA GLY A 289 20.95 14.54 -22.81
C GLY A 289 22.30 13.88 -22.66
N SER A 290 22.90 14.10 -21.50
CA SER A 290 24.20 13.55 -21.11
C SER A 290 24.12 13.03 -19.64
N GLY A 291 25.09 12.22 -19.23
CA GLY A 291 25.13 11.65 -17.89
C GLY A 291 23.92 10.79 -17.62
N LEU A 292 23.05 11.24 -16.68
CA LEU A 292 21.80 10.54 -16.34
C LEU A 292 20.85 10.51 -17.52
N ARG A 293 20.87 11.55 -18.38
CA ARG A 293 19.98 11.66 -19.53
C ARG A 293 20.59 11.21 -20.86
N ALA A 294 21.66 10.38 -20.83
CA ALA A 294 22.30 9.84 -22.04
C ALA A 294 21.33 8.89 -22.73
N ALA A 295 21.57 8.49 -24.00
CA ALA A 295 20.67 7.58 -24.69
C ALA A 295 20.50 6.25 -23.91
N ILE A 296 21.60 5.69 -23.36
CA ILE A 296 21.58 4.54 -22.47
C ILE A 296 22.51 4.91 -21.31
N SER A 297 21.92 5.17 -20.15
CA SER A 297 22.62 5.60 -18.96
C SER A 297 22.63 4.45 -17.93
N ILE A 298 23.79 3.82 -17.70
CA ILE A 298 23.88 2.67 -16.82
C ILE A 298 24.48 3.16 -15.52
N MET A 299 23.64 3.38 -14.50
CA MET A 299 24.01 4.04 -13.26
C MET A 299 24.94 3.32 -12.28
N SER A 300 25.61 4.12 -11.43
CA SER A 300 26.41 3.66 -10.30
C SER A 300 25.46 3.52 -9.09
N ALA A 301 25.87 2.82 -8.03
CA ALA A 301 24.97 2.56 -6.91
C ALA A 301 25.64 2.48 -5.52
N LEU A 302 24.84 2.50 -4.43
CA LEU A 302 25.26 2.39 -3.04
C LEU A 302 25.55 0.91 -2.71
N GLU A 303 26.42 0.66 -1.72
CA GLU A 303 26.78 -0.70 -1.31
C GLU A 303 25.63 -1.42 -0.56
N LYS A 304 24.99 -0.74 0.40
CA LYS A 304 23.87 -1.34 1.14
C LYS A 304 22.71 -0.35 1.11
N PRO A 305 22.01 -0.27 -0.02
CA PRO A 305 20.95 0.73 -0.16
C PRO A 305 19.59 0.33 0.36
N GLN A 306 18.80 1.34 0.69
CA GLN A 306 17.42 1.11 1.10
C GLN A 306 16.59 0.96 -0.18
N LEU A 307 15.37 0.42 -0.08
CA LEU A 307 14.52 0.22 -1.27
C LEU A 307 14.27 1.51 -2.11
N HIS A 308 14.41 2.71 -1.50
CA HIS A 308 14.20 3.98 -2.20
C HIS A 308 15.50 4.60 -2.77
N GLU A 309 16.65 3.91 -2.64
CA GLU A 309 17.91 4.46 -3.13
C GLU A 309 18.31 3.86 -4.53
N TYR A 310 19.54 3.34 -4.70
CA TYR A 310 20.02 2.82 -5.97
C TYR A 310 20.60 1.45 -5.80
N PHE A 311 20.12 0.46 -6.54
CA PHE A 311 20.65 -0.90 -6.43
C PHE A 311 21.63 -1.15 -7.60
N GLN A 312 22.79 -1.79 -7.32
CA GLN A 312 23.82 -2.04 -8.34
C GLN A 312 23.27 -2.66 -9.61
N VAL A 313 23.66 -2.08 -10.76
CA VAL A 313 23.21 -2.61 -12.05
C VAL A 313 23.84 -3.97 -12.28
N ILE A 314 23.05 -5.03 -12.21
CA ILE A 314 23.57 -6.39 -12.35
C ILE A 314 22.94 -7.05 -13.56
N ASN A 315 23.76 -7.67 -14.39
CA ASN A 315 23.33 -8.37 -15.62
C ASN A 315 22.43 -7.53 -16.55
N PRO A 316 22.84 -6.29 -16.92
CA PRO A 316 22.02 -5.53 -17.89
C PRO A 316 22.25 -6.12 -19.28
N GLN A 317 21.17 -6.33 -20.04
CA GLN A 317 21.30 -6.93 -21.38
C GLN A 317 20.85 -5.95 -22.45
N ILE A 318 21.81 -5.16 -22.93
CA ILE A 318 21.62 -4.06 -23.88
C ILE A 318 22.06 -4.48 -25.28
N VAL A 319 21.08 -4.69 -26.20
CA VAL A 319 21.39 -5.20 -27.54
C VAL A 319 20.47 -4.68 -28.67
N GLY A 320 21.07 -4.29 -29.79
CA GLY A 320 20.34 -3.84 -30.96
C GLY A 320 19.73 -2.45 -30.88
N ASN A 321 20.37 -1.58 -30.11
CA ASN A 321 19.87 -0.22 -29.97
C ASN A 321 20.53 0.67 -31.03
N ILE A 322 19.72 1.45 -31.77
CA ILE A 322 20.24 2.31 -32.81
C ILE A 322 20.25 3.76 -32.30
N ILE A 323 21.40 4.20 -31.79
CA ILE A 323 21.60 5.53 -31.23
C ILE A 323 22.13 6.47 -32.31
N ALA A 324 21.35 7.49 -32.67
CA ALA A 324 21.77 8.44 -33.68
C ALA A 324 21.62 9.90 -33.26
N ASP A 325 22.38 10.82 -33.88
CA ASP A 325 22.27 12.27 -33.70
C ASP A 325 22.14 12.76 -32.24
N SER A 326 22.89 12.17 -31.31
CA SER A 326 22.78 12.56 -29.92
C SER A 326 24.07 13.18 -29.31
N LYS A 327 23.93 13.82 -28.15
CA LYS A 327 25.03 14.42 -27.41
C LYS A 327 25.88 13.33 -26.75
N GLU A 328 25.23 12.25 -26.25
CA GLU A 328 25.92 11.16 -25.56
C GLU A 328 25.25 9.79 -25.74
N GLY A 329 26.01 8.84 -26.25
CA GLY A 329 25.47 7.50 -26.51
C GLY A 329 25.23 6.72 -25.23
N ILE A 330 26.29 6.06 -24.74
CA ILE A 330 26.21 5.27 -23.53
C ILE A 330 27.05 5.88 -22.42
N ASP A 331 26.52 6.02 -21.19
CA ASP A 331 27.33 6.46 -20.05
C ASP A 331 27.43 5.30 -19.05
N ILE A 332 28.63 4.70 -18.91
CA ILE A 332 28.84 3.58 -18.02
C ILE A 332 29.33 4.04 -16.66
N GLY A 333 28.45 3.94 -15.66
CA GLY A 333 28.71 4.36 -14.29
C GLY A 333 28.16 5.74 -13.99
N ALA A 334 27.14 6.16 -14.75
CA ALA A 334 26.48 7.46 -14.64
C ALA A 334 25.97 7.78 -13.25
N GLY A 335 26.34 8.94 -12.72
CA GLY A 335 25.92 9.34 -11.37
C GLY A 335 26.86 8.93 -10.26
N LYS A 336 28.06 8.46 -10.61
CA LYS A 336 29.07 8.05 -9.63
C LYS A 336 29.45 9.20 -8.68
N ASN A 337 29.53 8.89 -7.38
CA ASN A 337 29.92 9.84 -6.34
C ASN A 337 30.59 9.08 -5.14
N GLU A 338 30.85 9.74 -4.01
CA GLU A 338 31.48 9.11 -2.85
C GLU A 338 30.60 7.98 -2.30
N LYS A 339 29.28 8.17 -2.30
CA LYS A 339 28.36 7.14 -1.83
C LYS A 339 28.14 6.08 -2.92
N ARG A 340 27.68 6.52 -4.12
CA ARG A 340 27.40 5.70 -5.31
C ARG A 340 28.70 5.28 -6.03
N MET A 341 29.39 4.25 -5.52
CA MET A 341 30.66 3.75 -6.07
C MET A 341 30.53 2.39 -6.76
N LEU A 342 29.43 1.65 -6.52
CA LEU A 342 29.27 0.35 -7.17
C LEU A 342 28.99 0.52 -8.66
N PRO A 343 29.87 -0.04 -9.51
CA PRO A 343 29.67 0.10 -10.96
C PRO A 343 28.81 -1.03 -11.54
N PRO A 344 28.31 -0.88 -12.78
CA PRO A 344 27.52 -1.98 -13.38
C PRO A 344 28.36 -3.27 -13.48
N LYS A 345 27.75 -4.43 -13.23
CA LYS A 345 28.46 -5.69 -13.29
C LYS A 345 27.68 -6.74 -14.03
N ASP A 346 28.41 -7.55 -14.81
CA ASP A 346 27.87 -8.63 -15.61
C ASP A 346 27.05 -8.08 -16.79
N GLY A 347 26.38 -8.97 -17.51
CA GLY A 347 25.60 -8.57 -18.67
C GLY A 347 26.46 -8.21 -19.86
N PHE A 348 25.81 -7.64 -20.87
CA PHE A 348 26.47 -7.27 -22.10
C PHE A 348 25.84 -6.06 -22.78
N LEU A 349 26.65 -5.34 -23.53
CA LEU A 349 26.34 -4.17 -24.34
C LEU A 349 26.89 -4.59 -25.69
N LYS A 350 26.04 -5.21 -26.50
CA LYS A 350 26.47 -5.75 -27.79
C LYS A 350 25.48 -5.49 -28.90
N ASN A 351 25.93 -5.51 -30.16
CA ASN A 351 25.11 -5.26 -31.35
C ASN A 351 24.40 -3.91 -31.37
N ASN A 352 24.99 -2.89 -30.76
CA ASN A 352 24.40 -1.54 -30.76
C ASN A 352 25.09 -0.65 -31.81
N TYR A 353 24.38 0.35 -32.31
CA TYR A 353 24.91 1.26 -33.30
C TYR A 353 24.94 2.64 -32.72
N VAL A 354 26.11 3.29 -32.71
CA VAL A 354 26.18 4.68 -32.23
C VAL A 354 26.76 5.57 -33.34
N ILE A 355 25.89 6.34 -34.02
CA ILE A 355 26.31 7.21 -35.10
C ILE A 355 25.97 8.68 -34.83
N ASN A 356 26.73 9.59 -35.47
CA ASN A 356 26.63 11.05 -35.39
C ASN A 356 26.35 11.53 -33.97
N THR A 357 27.12 11.01 -33.03
CA THR A 357 26.97 11.30 -31.63
C THR A 357 28.28 11.94 -31.10
N ARG A 358 28.18 13.06 -30.38
CA ARG A 358 29.35 13.77 -29.84
C ARG A 358 30.27 12.86 -29.00
N THR A 359 29.75 12.26 -27.91
CA THR A 359 30.48 11.32 -27.08
C THR A 359 29.78 9.97 -27.28
N VAL A 360 30.40 9.05 -28.02
CA VAL A 360 29.84 7.73 -28.31
C VAL A 360 29.60 6.91 -27.04
N ILE A 361 30.64 6.76 -26.22
CA ILE A 361 30.55 6.04 -24.99
C ILE A 361 31.46 6.68 -23.98
N LYS A 362 30.87 7.05 -22.86
CA LYS A 362 31.49 7.70 -21.71
C LYS A 362 31.58 6.66 -20.61
N THR A 363 32.68 6.64 -19.84
CA THR A 363 32.81 5.71 -18.74
C THR A 363 33.19 6.47 -17.49
N GLU A 364 32.20 6.68 -16.61
CA GLU A 364 32.39 7.39 -15.34
C GLU A 364 32.89 6.47 -14.23
N ASN A 365 32.50 5.20 -14.27
CA ASN A 365 32.88 4.20 -13.28
C ASN A 365 33.14 2.90 -14.03
N GLU A 366 34.42 2.42 -14.03
CA GLU A 366 34.81 1.19 -14.73
C GLU A 366 33.95 0.00 -14.32
N PRO A 367 33.23 -0.60 -15.29
CA PRO A 367 32.35 -1.73 -14.97
C PRO A 367 33.11 -3.03 -14.70
N GLU A 368 32.46 -3.96 -13.99
CA GLU A 368 33.05 -5.25 -13.65
C GLU A 368 32.41 -6.39 -14.42
N GLY A 369 33.20 -7.06 -15.25
CA GLY A 369 32.72 -8.19 -16.02
C GLY A 369 31.67 -7.85 -17.05
N LEU A 370 31.66 -6.60 -17.53
CA LEU A 370 30.71 -6.17 -18.54
C LEU A 370 31.26 -6.45 -19.93
N LEU A 371 30.59 -7.36 -20.67
CA LEU A 371 30.97 -7.70 -22.03
C LEU A 371 30.53 -6.60 -23.01
N ILE A 372 31.46 -6.01 -23.74
CA ILE A 372 31.17 -4.99 -24.74
C ILE A 372 31.80 -5.42 -26.07
N GLU A 373 31.01 -5.96 -27.00
CA GLU A 373 31.53 -6.40 -28.28
C GLU A 373 30.50 -6.21 -29.42
N ASN A 374 30.99 -6.09 -30.66
CA ASN A 374 30.17 -5.94 -31.87
C ASN A 374 29.28 -4.70 -31.86
N ASN A 375 29.82 -3.58 -31.42
CA ASN A 375 29.10 -2.32 -31.43
C ASN A 375 29.66 -1.44 -32.58
N GLN A 376 28.83 -1.10 -33.57
CA GLN A 376 29.30 -0.31 -34.71
C GLN A 376 29.11 1.17 -34.52
N THR A 377 30.12 1.96 -34.90
CA THR A 377 30.08 3.41 -34.78
C THR A 377 30.84 4.11 -35.92
N ASP A 378 30.56 5.41 -36.15
CA ASP A 378 31.26 6.18 -37.16
C ASP A 378 32.32 7.13 -36.58
N ALA A 379 32.60 7.05 -35.27
CA ALA A 379 33.62 7.89 -34.64
C ALA A 379 35.00 7.39 -35.08
N SER A 380 35.89 8.30 -35.49
CA SER A 380 37.23 7.96 -35.97
C SER A 380 38.00 7.06 -34.99
N SER A 381 38.12 7.50 -33.73
CA SER A 381 38.77 6.68 -32.71
C SER A 381 37.75 5.69 -32.18
N LEU A 382 37.93 4.39 -32.45
CA LEU A 382 36.98 3.38 -32.02
C LEU A 382 37.24 3.02 -30.56
N PRO A 383 36.19 3.07 -29.74
CA PRO A 383 36.36 2.66 -28.34
C PRO A 383 36.41 1.12 -28.19
N LYS A 384 36.87 0.63 -27.03
CA LYS A 384 36.97 -0.83 -26.80
C LYS A 384 35.63 -1.54 -27.04
N GLY A 385 35.67 -2.57 -27.87
CA GLY A 385 34.48 -3.32 -28.24
C GLY A 385 33.70 -2.70 -29.38
N PHE A 386 34.26 -1.68 -30.05
CA PHE A 386 33.59 -1.03 -31.16
C PHE A 386 34.32 -1.24 -32.47
N THR A 387 33.53 -1.46 -33.53
CA THR A 387 34.00 -1.66 -34.91
C THR A 387 33.43 -0.54 -35.80
N LYS A 388 34.02 -0.32 -36.99
CA LYS A 388 33.55 0.75 -37.88
C LYS A 388 32.23 0.39 -38.57
N VAL A 389 31.19 1.24 -38.42
CA VAL A 389 29.89 1.02 -39.04
C VAL A 389 30.02 1.06 -40.57
N GLY A 390 29.28 0.19 -41.24
CA GLY A 390 29.30 0.12 -42.70
C GLY A 390 28.07 0.77 -43.29
N SER A 391 27.31 0.01 -44.07
CA SER A 391 26.09 0.51 -44.70
C SER A 391 24.84 -0.28 -44.27
N ASP A 392 24.89 -0.91 -43.08
CA ASP A 392 23.78 -1.70 -42.50
C ASP A 392 22.57 -0.84 -42.14
N LEU A 393 22.77 0.46 -41.87
CA LEU A 393 21.70 1.36 -41.46
C LEU A 393 21.31 2.39 -42.53
N VAL A 394 20.03 2.81 -42.51
CA VAL A 394 19.40 3.78 -43.41
C VAL A 394 18.42 4.71 -42.66
N LYS A 395 18.43 6.03 -42.95
CA LYS A 395 17.50 6.96 -42.29
C LYS A 395 16.08 7.00 -42.94
N SER A 396 15.11 6.21 -42.40
CA SER A 396 13.73 6.13 -42.93
C SER A 396 12.72 6.78 -41.96
N ASP A 397 11.86 7.68 -42.49
CA ASP A 397 10.89 8.45 -41.70
C ASP A 397 11.58 9.36 -40.67
N GLY A 398 12.81 9.81 -40.98
CA GLY A 398 13.62 10.61 -40.07
C GLY A 398 14.25 9.79 -38.94
N ILE A 399 14.24 8.45 -39.08
CA ILE A 399 14.77 7.53 -38.07
C ILE A 399 15.75 6.53 -38.70
N TRP A 400 17.01 6.54 -38.24
CA TRP A 400 18.02 5.58 -38.70
C TRP A 400 17.61 4.19 -38.23
N GLN A 401 17.49 3.28 -39.18
CA GLN A 401 17.05 1.92 -38.96
C GLN A 401 17.95 0.93 -39.69
N LYS A 402 18.01 -0.32 -39.23
CA LYS A 402 18.77 -1.37 -39.89
C LYS A 402 17.98 -1.71 -41.16
N LYS A 403 18.66 -1.74 -42.32
CA LYS A 403 18.10 -2.01 -43.65
C LYS A 403 17.09 -3.15 -43.72
N ASN A 404 17.44 -4.35 -43.22
CA ASN A 404 16.57 -5.52 -43.27
C ASN A 404 15.32 -5.42 -42.37
N ASP A 405 15.38 -4.53 -41.35
CA ASP A 405 14.32 -4.35 -40.35
C ASP A 405 13.49 -3.09 -40.55
N VAL A 406 13.62 -2.39 -41.70
CA VAL A 406 12.86 -1.16 -41.94
C VAL A 406 11.35 -1.40 -41.86
N LYS A 407 10.65 -0.59 -41.05
CA LYS A 407 9.21 -0.75 -40.87
C LYS A 407 8.47 0.57 -40.78
N THR A 408 7.14 0.53 -40.92
CA THR A 408 6.32 1.72 -40.75
C THR A 408 6.13 1.87 -39.25
N PRO A 409 6.49 3.01 -38.65
CA PRO A 409 6.22 3.22 -37.22
C PRO A 409 4.74 2.99 -36.88
N PHE A 410 4.45 2.42 -35.69
CA PHE A 410 3.09 2.08 -35.25
C PHE A 410 2.16 3.26 -35.29
N TRP A 411 2.66 4.46 -34.97
CA TRP A 411 1.78 5.63 -34.93
C TRP A 411 1.38 6.09 -36.33
N LYS A 412 2.20 5.76 -37.36
CA LYS A 412 1.87 6.14 -38.73
C LYS A 412 0.71 5.30 -39.32
N LYS A 413 0.34 4.18 -38.68
CA LYS A 413 -0.65 3.25 -39.21
C LYS A 413 -1.67 2.74 -38.17
N GLU A 414 -1.72 3.34 -36.99
CA GLU A 414 -2.66 2.93 -35.96
C GLU A 414 -3.31 4.13 -35.39
N LYS A 415 -4.58 3.97 -34.97
CA LYS A 415 -5.27 5.03 -34.26
C LYS A 415 -4.72 5.07 -32.84
N ILE A 416 -4.18 6.21 -32.45
CA ILE A 416 -3.62 6.42 -31.11
C ILE A 416 -4.51 7.47 -30.44
N GLY A 417 -4.93 7.18 -29.23
CA GLY A 417 -5.91 8.01 -28.54
C GLY A 417 -7.29 7.60 -29.01
N PRO A 418 -8.31 8.37 -28.60
CA PRO A 418 -9.69 7.97 -28.93
C PRO A 418 -9.98 7.80 -30.43
N GLU A 419 -10.91 6.87 -30.72
CA GLU A 419 -11.34 6.57 -32.09
C GLU A 419 -12.00 7.77 -32.74
N TRP A 420 -12.75 8.55 -31.95
CA TRP A 420 -13.47 9.75 -32.40
C TRP A 420 -12.59 10.98 -32.60
N ASN A 421 -11.28 10.90 -32.29
CA ASN A 421 -10.40 12.05 -32.43
C ASN A 421 -9.38 11.89 -33.56
N ASN A 422 -9.28 12.93 -34.43
CA ASN A 422 -8.32 12.98 -35.53
C ASN A 422 -7.11 13.75 -35.00
N VAL A 423 -6.30 13.08 -34.14
CA VAL A 423 -5.13 13.71 -33.51
C VAL A 423 -3.89 13.73 -34.40
N LYS A 424 -3.09 14.80 -34.27
CA LYS A 424 -1.85 14.99 -35.01
C LYS A 424 -0.83 15.76 -34.18
N MET A 425 0.41 15.29 -34.17
CA MET A 425 1.51 15.91 -33.42
C MET A 425 2.18 17.03 -34.20
N GLY B 16 -24.52 23.87 13.09
CA GLY B 16 -25.02 23.42 11.80
C GLY B 16 -26.43 22.89 11.85
N ASN B 17 -26.83 22.13 10.83
CA ASN B 17 -28.16 21.55 10.78
C ASN B 17 -28.23 20.11 11.29
N ILE B 18 -29.41 19.71 11.74
CA ILE B 18 -29.67 18.37 12.19
C ILE B 18 -30.58 17.71 11.17
N TYR B 19 -30.11 16.61 10.57
CA TYR B 19 -30.90 15.90 9.56
C TYR B 19 -31.31 14.52 10.06
N ASN B 20 -32.60 14.31 10.33
CA ASN B 20 -33.09 13.01 10.77
C ASN B 20 -33.39 12.15 9.53
N ILE B 21 -32.60 11.08 9.35
CA ILE B 21 -32.78 10.20 8.21
C ILE B 21 -33.12 8.76 8.64
N SER B 22 -33.63 7.96 7.72
CA SER B 22 -33.91 6.55 7.96
C SER B 22 -33.39 5.69 6.80
N SER B 23 -32.45 6.21 6.00
CA SER B 23 -31.88 5.52 4.85
C SER B 23 -30.50 6.06 4.52
N ALA B 24 -29.63 5.18 3.99
CA ALA B 24 -28.31 5.62 3.54
C ALA B 24 -28.44 6.52 2.28
N ASN B 25 -29.54 6.35 1.49
CA ASN B 25 -29.89 7.16 0.29
C ASN B 25 -30.06 8.64 0.70
N GLU B 26 -30.84 8.89 1.77
CA GLU B 26 -31.10 10.23 2.29
C GLU B 26 -29.81 10.92 2.67
N LEU B 27 -28.88 10.18 3.28
CA LEU B 27 -27.56 10.70 3.65
C LEU B 27 -26.77 11.12 2.40
N ASN B 28 -26.92 10.37 1.30
CA ASN B 28 -26.25 10.61 0.03
C ASN B 28 -26.78 11.83 -0.69
N ALA B 29 -28.08 12.09 -0.55
CA ALA B 29 -28.73 13.27 -1.14
C ALA B 29 -28.58 14.49 -0.21
N LEU B 30 -27.49 14.57 0.56
CA LEU B 30 -27.27 15.65 1.53
C LEU B 30 -25.92 16.32 1.31
N LYS B 31 -25.87 17.66 1.46
CA LYS B 31 -24.63 18.43 1.38
C LYS B 31 -24.31 18.78 2.83
N LEU B 32 -23.20 18.25 3.37
CA LEU B 32 -22.86 18.46 4.77
C LEU B 32 -21.74 19.47 5.00
N GLN B 33 -21.99 20.41 5.90
CA GLN B 33 -21.01 21.42 6.26
C GLN B 33 -20.58 21.24 7.73
N PRO B 34 -19.40 21.74 8.16
CA PRO B 34 -19.01 21.59 9.57
C PRO B 34 -20.10 21.97 10.59
N GLY B 35 -20.24 21.15 11.61
CA GLY B 35 -21.27 21.37 12.63
C GLY B 35 -22.58 20.68 12.34
N ASP B 36 -22.69 20.02 11.17
CA ASP B 36 -23.91 19.29 10.83
C ASP B 36 -23.94 17.98 11.55
N LYS B 37 -25.12 17.56 11.93
CA LYS B 37 -25.32 16.31 12.61
C LYS B 37 -26.41 15.56 11.90
N VAL B 38 -26.13 14.35 11.48
CA VAL B 38 -27.11 13.51 10.83
C VAL B 38 -27.54 12.50 11.86
N ILE B 39 -28.84 12.44 12.15
CA ILE B 39 -29.40 11.52 13.13
C ILE B 39 -30.14 10.38 12.45
N PHE B 40 -29.62 9.15 12.55
CA PHE B 40 -30.28 8.00 11.96
C PHE B 40 -31.38 7.49 12.92
N LYS B 41 -32.63 7.44 12.45
CA LYS B 41 -33.81 7.00 13.19
C LYS B 41 -33.60 5.64 13.82
N LYS B 42 -34.14 5.45 15.03
CA LYS B 42 -34.03 4.19 15.75
C LYS B 42 -34.84 3.10 15.03
N GLY B 43 -34.27 1.91 14.98
CA GLY B 43 -34.92 0.78 14.34
C GLY B 43 -33.92 -0.19 13.74
N ASN B 44 -34.42 -1.15 12.97
CA ASN B 44 -33.57 -2.14 12.32
C ASN B 44 -33.71 -1.92 10.83
N TRP B 45 -32.63 -1.42 10.21
CA TRP B 45 -32.53 -1.05 8.80
C TRP B 45 -31.64 -2.02 8.04
N LYS B 46 -32.22 -2.74 7.07
CA LYS B 46 -31.50 -3.74 6.32
C LYS B 46 -30.80 -3.24 5.07
N ASN B 47 -29.63 -3.82 4.78
CA ASN B 47 -28.84 -3.61 3.58
C ASN B 47 -28.52 -2.14 3.30
N GLN B 48 -28.11 -1.40 4.35
CA GLN B 48 -27.73 0.01 4.26
C GLN B 48 -26.25 0.17 3.88
N GLN B 49 -25.98 0.76 2.71
CA GLN B 49 -24.62 1.05 2.27
C GLN B 49 -24.33 2.51 2.62
N ILE B 50 -23.90 2.75 3.85
CA ILE B 50 -23.62 4.09 4.35
C ILE B 50 -22.29 4.65 3.85
N ASN B 51 -22.33 5.82 3.19
CA ASN B 51 -21.15 6.53 2.73
C ASN B 51 -21.14 7.88 3.43
N PHE B 52 -20.48 7.94 4.58
CA PHE B 52 -20.39 9.17 5.34
C PHE B 52 -19.22 9.97 4.75
N LYS B 53 -19.50 10.72 3.66
CA LYS B 53 -18.49 11.53 2.95
C LYS B 53 -18.73 13.04 3.19
N ALA B 54 -17.92 13.66 4.06
CA ALA B 54 -18.06 15.08 4.41
C ALA B 54 -16.75 15.61 5.07
N ASN B 55 -16.64 16.94 5.28
CA ASN B 55 -15.48 17.52 5.89
C ASN B 55 -15.92 18.50 6.96
N GLY B 56 -15.34 18.37 8.14
CA GLY B 56 -15.57 19.27 9.25
C GLY B 56 -14.26 19.89 9.71
N THR B 57 -14.28 20.48 10.90
CA THR B 57 -13.07 21.08 11.49
C THR B 57 -12.94 20.59 12.97
N LYS B 58 -11.89 21.01 13.69
CA LYS B 58 -11.71 20.63 15.08
C LYS B 58 -12.85 21.20 15.93
N GLU B 59 -13.20 22.46 15.70
CA GLU B 59 -14.24 23.17 16.45
C GLU B 59 -15.69 22.79 16.01
N LYS B 60 -15.83 22.27 14.78
CA LYS B 60 -17.12 21.89 14.26
C LYS B 60 -17.04 20.65 13.39
N PRO B 61 -16.97 19.45 13.98
CA PRO B 61 -16.94 18.22 13.16
C PRO B 61 -18.33 17.82 12.63
N VAL B 62 -18.38 17.00 11.57
CA VAL B 62 -19.66 16.50 11.05
C VAL B 62 -19.95 15.17 11.76
N VAL B 63 -21.14 15.03 12.35
CA VAL B 63 -21.48 13.87 13.16
C VAL B 63 -22.58 13.04 12.52
N LEU B 64 -22.45 11.70 12.50
CA LEU B 64 -23.47 10.76 12.06
C LEU B 64 -23.78 9.96 13.34
N ALA B 65 -24.86 10.33 14.05
CA ALA B 65 -25.19 9.68 15.32
C ALA B 65 -26.53 9.00 15.30
N ALA B 66 -26.63 7.86 15.98
CA ALA B 66 -27.87 7.10 16.13
C ALA B 66 -28.86 7.94 16.95
N GLU B 67 -30.17 7.73 16.73
CA GLU B 67 -31.19 8.51 17.46
C GLU B 67 -31.06 8.29 18.95
N LYS B 68 -30.92 7.01 19.33
CA LYS B 68 -30.71 6.54 20.68
C LYS B 68 -29.61 5.49 20.58
N GLY B 69 -28.52 5.70 21.32
CA GLY B 69 -27.37 4.80 21.33
C GLY B 69 -27.70 3.32 21.44
N GLY B 70 -27.28 2.56 20.42
CA GLY B 70 -27.50 1.11 20.37
C GLY B 70 -28.83 0.66 19.86
N GLU B 71 -29.66 1.59 19.41
CA GLU B 71 -30.99 1.29 18.88
C GLU B 71 -31.10 1.46 17.34
N THR B 72 -29.98 1.83 16.65
CA THR B 72 -29.96 1.96 15.19
C THR B 72 -29.18 0.77 14.70
N ILE B 73 -29.90 -0.25 14.26
CA ILE B 73 -29.29 -1.50 13.80
C ILE B 73 -29.21 -1.55 12.28
N PHE B 74 -28.07 -2.09 11.78
CA PHE B 74 -27.80 -2.31 10.39
C PHE B 74 -27.69 -3.80 10.17
N SER B 75 -28.78 -4.39 9.69
CA SER B 75 -28.84 -5.81 9.43
C SER B 75 -28.65 -6.11 7.94
N GLY B 76 -28.66 -7.39 7.58
CA GLY B 76 -28.46 -7.83 6.22
C GLY B 76 -27.07 -7.47 5.73
N ASN B 77 -27.00 -6.96 4.50
CA ASN B 77 -25.73 -6.58 3.90
C ASN B 77 -25.51 -5.09 4.02
N SER B 78 -25.19 -4.63 5.22
CA SER B 78 -24.96 -3.23 5.49
C SER B 78 -23.48 -2.91 5.69
N ASN B 79 -23.01 -1.78 5.14
CA ASN B 79 -21.60 -1.40 5.29
C ASN B 79 -21.48 0.09 5.62
N LEU B 80 -20.38 0.50 6.25
CA LEU B 80 -20.14 1.91 6.55
C LEU B 80 -18.75 2.30 6.06
N LYS B 81 -18.68 3.41 5.32
CA LYS B 81 -17.46 4.02 4.83
C LYS B 81 -17.40 5.42 5.46
N ILE B 82 -16.28 5.76 6.06
CA ILE B 82 -16.04 7.05 6.68
C ILE B 82 -15.03 7.71 5.77
N ASP B 83 -15.44 8.76 5.05
CA ASP B 83 -14.61 9.43 4.04
C ASP B 83 -14.48 10.93 4.25
N GLY B 84 -13.43 11.39 4.92
CA GLY B 84 -13.22 12.82 5.11
C GLY B 84 -12.55 13.22 6.42
N ASN B 85 -12.39 14.53 6.64
CA ASN B 85 -11.78 15.08 7.84
C ASN B 85 -12.79 15.40 8.91
N TRP B 86 -12.38 15.24 10.17
CA TRP B 86 -13.18 15.56 11.35
C TRP B 86 -14.60 15.02 11.30
N LEU B 87 -14.72 13.71 11.10
CA LEU B 87 -16.01 13.03 11.08
C LEU B 87 -16.17 12.18 12.35
N VAL B 88 -17.38 12.12 12.89
CA VAL B 88 -17.66 11.33 14.08
C VAL B 88 -18.86 10.45 13.81
N VAL B 89 -18.76 9.13 14.02
CA VAL B 89 -19.85 8.15 13.88
C VAL B 89 -20.18 7.69 15.31
N ASP B 90 -21.47 7.65 15.68
CA ASP B 90 -21.84 7.36 17.05
C ASP B 90 -23.12 6.57 17.25
N GLY B 91 -23.06 5.51 18.06
CA GLY B 91 -24.21 4.71 18.49
C GLY B 91 -24.79 3.64 17.59
N PHE B 92 -24.07 3.25 16.55
CA PHE B 92 -24.60 2.26 15.60
C PHE B 92 -24.30 0.83 15.97
N VAL B 93 -25.10 -0.15 15.47
CA VAL B 93 -24.92 -1.58 15.76
C VAL B 93 -25.15 -2.35 14.47
N PHE B 94 -24.16 -3.14 14.06
CA PHE B 94 -24.23 -4.01 12.92
C PHE B 94 -24.41 -5.43 13.44
N LYS B 95 -25.57 -6.00 13.24
CA LYS B 95 -25.87 -7.38 13.65
C LYS B 95 -26.82 -8.01 12.60
N ASP B 96 -27.26 -9.26 12.81
CA ASP B 96 -28.24 -9.93 11.95
C ASP B 96 -27.88 -9.86 10.46
N GLY B 97 -26.59 -10.05 10.16
CA GLY B 97 -26.13 -9.94 8.79
C GLY B 97 -24.70 -10.29 8.52
N PHE B 98 -24.16 -9.68 7.47
CA PHE B 98 -22.81 -9.90 6.97
C PHE B 98 -22.49 -8.96 5.79
N SER B 99 -21.19 -8.83 5.44
CA SER B 99 -20.79 -8.04 4.29
C SER B 99 -20.58 -8.94 3.09
N GLU B 100 -20.97 -8.48 1.90
CA GLU B 100 -20.87 -9.29 0.69
C GLU B 100 -19.49 -9.37 0.09
N LYS B 101 -18.59 -8.44 0.45
CA LYS B 101 -17.25 -8.33 -0.08
C LYS B 101 -16.40 -7.33 0.74
N ALA B 102 -16.94 -6.12 0.97
CA ALA B 102 -16.19 -5.04 1.62
C ALA B 102 -16.03 -5.21 3.14
N ASP B 103 -15.10 -4.44 3.76
CA ASP B 103 -14.93 -4.45 5.20
C ASP B 103 -16.16 -3.78 5.82
N VAL B 104 -16.62 -4.26 7.01
CA VAL B 104 -17.83 -3.71 7.64
C VAL B 104 -17.73 -2.20 7.87
N ILE B 105 -16.64 -1.76 8.49
CA ILE B 105 -16.42 -0.34 8.72
C ILE B 105 -15.09 0.03 8.10
N LEU B 106 -15.08 1.11 7.31
CA LEU B 106 -13.86 1.53 6.64
C LEU B 106 -13.59 3.01 6.83
N PHE B 107 -12.36 3.35 7.12
CA PHE B 107 -11.90 4.71 7.12
C PHE B 107 -11.06 4.74 5.82
N THR B 108 -11.33 5.65 4.89
CA THR B 108 -10.58 5.75 3.65
C THR B 108 -9.15 6.32 3.84
N LYS B 109 -8.30 6.24 2.82
CA LYS B 109 -6.93 6.75 2.92
C LYS B 109 -6.85 8.29 3.08
N SER B 110 -7.87 9.02 2.59
CA SER B 110 -7.93 10.48 2.74
C SER B 110 -8.66 10.94 4.03
N THR B 111 -9.16 9.97 4.83
CA THR B 111 -9.85 10.23 6.08
C THR B 111 -8.85 10.53 7.17
N SER B 112 -8.89 11.76 7.69
CA SER B 112 -8.03 12.16 8.78
C SER B 112 -8.86 12.73 9.92
N ASN B 113 -8.28 12.70 11.15
CA ASN B 113 -8.90 13.21 12.38
C ASN B 113 -10.36 12.79 12.57
N SER B 114 -10.69 11.57 12.16
CA SER B 114 -12.05 11.07 12.30
C SER B 114 -12.17 10.03 13.42
N ARG B 115 -13.39 9.71 13.81
CA ARG B 115 -13.61 8.80 14.91
C ARG B 115 -14.92 8.05 14.84
N ILE B 116 -14.87 6.79 15.29
CA ILE B 116 -16.05 5.99 15.47
C ILE B 116 -16.15 5.70 16.97
N THR B 117 -17.29 6.01 17.56
CA THR B 117 -17.55 5.78 18.97
C THR B 117 -18.91 5.13 19.20
N ASN B 118 -19.04 4.44 20.35
CA ASN B 118 -20.28 3.78 20.81
C ASN B 118 -20.91 2.88 19.79
N SER B 119 -20.09 2.27 18.94
CA SER B 119 -20.60 1.40 17.88
C SER B 119 -20.32 -0.06 18.11
N SER B 120 -21.09 -0.95 17.47
CA SER B 120 -20.89 -2.38 17.68
C SER B 120 -21.04 -3.20 16.42
N ILE B 121 -20.30 -4.32 16.34
CA ILE B 121 -20.39 -5.31 15.27
C ILE B 121 -20.49 -6.66 15.98
N ILE B 122 -21.67 -7.30 15.96
CA ILE B 122 -21.90 -8.55 16.68
C ILE B 122 -22.32 -9.71 15.81
N ASN B 123 -21.44 -10.70 15.65
CA ASN B 123 -21.74 -11.90 14.87
C ASN B 123 -22.06 -11.58 13.42
N TYR B 124 -21.38 -10.58 12.86
CA TYR B 124 -21.57 -10.12 11.49
C TYR B 124 -20.79 -11.03 10.58
N ASN B 125 -21.14 -12.32 10.61
CA ASN B 125 -20.45 -13.41 9.94
C ASN B 125 -21.00 -13.87 8.61
N HIS B 126 -20.07 -14.07 7.69
CA HIS B 126 -20.33 -14.57 6.35
C HIS B 126 -20.75 -16.06 6.45
N PRO B 127 -21.71 -16.53 5.62
CA PRO B 127 -22.06 -17.95 5.66
C PRO B 127 -20.87 -18.84 5.33
N ASP B 128 -19.93 -18.33 4.53
CA ASP B 128 -18.70 -18.99 4.11
C ASP B 128 -17.58 -18.55 5.07
N LYS B 129 -17.14 -19.46 5.95
CA LYS B 129 -16.06 -19.23 6.93
C LYS B 129 -14.71 -18.87 6.29
N THR B 130 -14.51 -19.20 5.02
CA THR B 130 -13.29 -18.87 4.30
C THR B 130 -13.34 -17.48 3.62
N PHE B 131 -14.54 -16.85 3.55
CA PHE B 131 -14.74 -15.55 2.91
C PHE B 131 -14.16 -14.42 3.75
N ASP B 132 -13.12 -13.78 3.21
CA ASP B 132 -12.39 -12.73 3.90
C ASP B 132 -12.93 -11.32 3.76
N TYR B 133 -12.93 -10.63 4.88
CA TYR B 133 -13.17 -9.22 5.11
C TYR B 133 -12.91 -8.91 6.58
N LYS B 134 -12.49 -7.69 6.84
CA LYS B 134 -12.19 -7.24 8.20
C LYS B 134 -13.44 -6.53 8.72
N TRP B 135 -13.63 -6.47 10.06
CA TRP B 135 -14.78 -5.75 10.59
C TRP B 135 -14.48 -4.23 10.66
N LEU B 136 -13.23 -3.86 10.99
CA LEU B 136 -12.86 -2.46 10.98
C LEU B 136 -11.49 -2.28 10.33
N SER B 137 -11.44 -1.42 9.28
CA SER B 137 -10.19 -1.14 8.59
C SER B 137 -9.81 0.29 8.79
N LEU B 138 -8.62 0.52 9.33
CA LEU B 138 -8.11 1.86 9.56
C LEU B 138 -7.09 2.24 8.50
N ASN B 139 -7.33 3.38 7.88
CA ASN B 139 -6.46 4.00 6.88
C ASN B 139 -6.40 5.49 7.24
N GLY B 140 -5.53 6.24 6.58
CA GLY B 140 -5.46 7.68 6.78
C GLY B 140 -4.63 8.09 7.97
N GLU B 141 -4.96 9.25 8.57
CA GLU B 141 -4.18 9.74 9.69
C GLU B 141 -5.00 10.17 10.88
N ASN B 142 -4.45 9.99 12.07
CA ASN B 142 -5.02 10.40 13.34
C ASN B 142 -6.48 10.03 13.53
N ASN B 143 -6.85 8.81 13.16
CA ASN B 143 -8.21 8.33 13.33
C ASN B 143 -8.33 7.55 14.63
N ARG B 144 -9.53 7.57 15.21
CA ARG B 144 -9.80 6.97 16.49
C ARG B 144 -10.98 6.01 16.50
N VAL B 145 -10.77 4.84 17.10
CA VAL B 145 -11.82 3.84 17.29
C VAL B 145 -11.89 3.72 18.78
N ASP B 146 -13.03 4.10 19.36
CA ASP B 146 -13.17 4.07 20.80
C ASP B 146 -14.55 3.69 21.26
N HIS B 147 -14.65 3.11 22.47
CA HIS B 147 -15.92 2.74 23.10
C HIS B 147 -16.80 1.92 22.15
N CYS B 148 -16.16 0.99 21.44
CA CYS B 148 -16.83 0.11 20.50
C CYS B 148 -16.85 -1.33 20.99
N ASP B 149 -17.62 -2.20 20.32
CA ASP B 149 -17.74 -3.60 20.68
C ASP B 149 -17.64 -4.45 19.43
N PHE B 150 -16.62 -5.31 19.34
CA PHE B 150 -16.48 -6.17 18.18
C PHE B 150 -16.47 -7.61 18.69
N THR B 151 -17.61 -8.29 18.61
CA THR B 151 -17.72 -9.63 19.17
C THR B 151 -18.24 -10.71 18.20
N GLY B 152 -17.56 -11.86 18.19
CA GLY B 152 -18.00 -13.06 17.49
C GLY B 152 -17.65 -13.33 16.06
N LYS B 153 -16.43 -12.98 15.63
CA LYS B 153 -16.01 -13.21 14.25
C LYS B 153 -15.66 -14.65 14.00
N THR B 154 -16.28 -15.26 12.99
CA THR B 154 -16.08 -16.68 12.69
C THR B 154 -15.51 -16.95 11.33
N HIS B 155 -15.40 -15.94 10.47
CA HIS B 155 -14.88 -16.08 9.14
C HIS B 155 -13.48 -15.45 9.01
N GLN B 156 -12.79 -15.79 7.91
CA GLN B 156 -11.44 -15.32 7.57
C GLN B 156 -11.29 -13.78 7.66
N GLY B 157 -10.13 -13.32 8.14
CA GLY B 157 -9.85 -11.89 8.21
C GLY B 157 -9.73 -11.35 9.62
N THR B 158 -8.65 -10.63 9.90
CA THR B 158 -8.42 -9.97 11.19
C THR B 158 -9.63 -9.09 11.56
N THR B 159 -10.01 -8.99 12.85
CA THR B 159 -11.17 -8.19 13.22
C THR B 159 -10.95 -6.69 12.90
N LEU B 160 -9.82 -6.15 13.34
CA LEU B 160 -9.47 -4.75 13.18
C LEU B 160 -8.08 -4.68 12.60
N VAL B 161 -7.96 -4.03 11.43
CA VAL B 161 -6.69 -3.89 10.78
C VAL B 161 -6.30 -2.42 10.71
N VAL B 162 -5.02 -2.16 10.96
CA VAL B 162 -4.43 -0.87 10.74
C VAL B 162 -3.62 -1.09 9.45
N TRP B 163 -3.99 -0.40 8.39
CA TRP B 163 -3.33 -0.57 7.10
C TRP B 163 -2.28 0.52 6.97
N LEU B 164 -1.02 0.10 6.84
CA LEU B 164 0.11 1.01 6.77
C LEU B 164 0.27 1.76 5.44
N ASP B 165 0.93 2.90 5.53
CA ASP B 165 1.21 3.81 4.43
C ASP B 165 2.61 4.44 4.65
N GLU B 166 3.04 5.29 3.71
CA GLU B 166 4.35 5.93 3.73
C GLU B 166 4.55 6.87 4.90
N LYS B 167 3.47 7.39 5.49
CA LYS B 167 3.59 8.26 6.67
C LYS B 167 3.01 7.58 7.91
N PRO B 168 3.56 7.84 9.13
CA PRO B 168 2.93 7.26 10.33
C PRO B 168 1.47 7.74 10.48
N ASN B 169 0.61 6.87 11.01
CA ASN B 169 -0.82 7.14 11.12
C ASN B 169 -1.24 7.72 12.42
N HIS B 170 -0.52 7.45 13.51
CA HIS B 170 -0.88 7.92 14.85
C HIS B 170 -2.35 7.61 15.20
N HIS B 171 -2.82 6.40 14.79
CA HIS B 171 -4.20 5.99 15.07
C HIS B 171 -4.35 5.66 16.55
N GLN B 172 -5.57 5.79 17.07
CA GLN B 172 -5.82 5.52 18.47
C GLN B 172 -6.97 4.55 18.60
N ILE B 173 -6.70 3.35 19.13
CA ILE B 173 -7.73 2.34 19.35
C ILE B 173 -7.81 2.23 20.86
N ASP B 174 -8.91 2.73 21.45
CA ASP B 174 -9.00 2.78 22.92
C ASP B 174 -10.38 2.55 23.53
N HIS B 175 -10.42 1.94 24.70
CA HIS B 175 -11.67 1.72 25.44
C HIS B 175 -12.69 0.87 24.72
N ASN B 176 -12.22 -0.09 23.94
CA ASN B 176 -13.10 -0.99 23.21
C ASN B 176 -13.16 -2.34 23.90
N TYR B 177 -14.22 -3.07 23.63
CA TYR B 177 -14.40 -4.41 24.12
C TYR B 177 -14.35 -5.30 22.89
N PHE B 178 -13.31 -6.11 22.80
CA PHE B 178 -13.14 -7.05 21.75
C PHE B 178 -13.56 -8.35 22.40
N GLY B 179 -14.81 -8.73 22.15
CA GLY B 179 -15.39 -9.92 22.74
C GLY B 179 -14.88 -11.23 22.20
N PRO B 180 -15.54 -12.32 22.64
CA PRO B 180 -15.15 -13.67 22.19
C PRO B 180 -14.98 -13.90 20.68
N ARG B 181 -13.80 -14.40 20.25
CA ARG B 181 -13.58 -14.69 18.85
C ARG B 181 -13.17 -16.15 18.73
N PRO B 182 -14.03 -17.01 18.19
CA PRO B 182 -13.70 -18.43 18.09
C PRO B 182 -12.49 -18.72 17.23
N ALA B 183 -11.81 -19.85 17.51
CA ALA B 183 -10.60 -20.33 16.82
C ALA B 183 -10.82 -20.54 15.34
N LEU B 184 -10.10 -19.76 14.51
CA LEU B 184 -10.23 -19.82 13.06
C LEU B 184 -9.57 -21.06 12.43
N GLY B 185 -8.56 -21.60 13.08
CA GLY B 185 -7.88 -22.79 12.58
C GLY B 185 -6.73 -22.48 11.65
N VAL B 186 -6.82 -21.36 10.92
CA VAL B 186 -5.80 -20.90 9.98
C VAL B 186 -5.33 -19.46 10.33
N ASN B 187 -4.28 -18.96 9.66
CA ASN B 187 -3.79 -17.60 9.87
C ASN B 187 -4.83 -16.58 9.37
N GLY B 188 -4.77 -15.36 9.88
CA GLY B 188 -5.73 -14.33 9.52
C GLY B 188 -6.92 -14.29 10.46
N GLY B 189 -6.70 -14.70 11.71
CA GLY B 189 -7.73 -14.69 12.72
C GLY B 189 -7.37 -13.83 13.92
N GLU B 190 -6.47 -12.84 13.73
CA GLU B 190 -6.04 -11.93 14.79
C GLU B 190 -7.16 -10.99 15.12
N THR B 191 -7.08 -10.40 16.29
CA THR B 191 -8.03 -9.40 16.72
C THR B 191 -7.61 -8.04 16.15
N ILE B 192 -6.32 -7.72 16.30
CA ILE B 192 -5.75 -6.50 15.78
C ILE B 192 -4.48 -6.85 15.03
N ARG B 193 -4.35 -6.37 13.79
CA ARG B 193 -3.10 -6.53 13.05
C ARG B 193 -2.68 -5.13 12.68
N ILE B 194 -1.45 -4.75 13.05
CA ILE B 194 -0.97 -3.42 12.72
C ILE B 194 0.15 -3.51 11.71
N GLY B 195 -0.23 -3.38 10.44
CA GLY B 195 0.71 -3.50 9.35
C GLY B 195 0.74 -4.89 8.74
N THR B 196 1.55 -5.05 7.70
CA THR B 196 1.83 -6.27 6.94
C THR B 196 3.34 -6.37 6.73
N SER B 197 3.88 -7.55 6.38
CA SER B 197 5.33 -7.72 6.21
C SER B 197 5.97 -6.71 5.26
N THR B 198 5.27 -6.27 4.19
CA THR B 198 5.82 -5.27 3.25
C THR B 198 6.00 -3.90 3.92
N TRP B 199 5.06 -3.52 4.76
CA TRP B 199 5.10 -2.24 5.46
C TRP B 199 5.75 -2.29 6.84
N SER B 200 6.38 -3.41 7.20
CA SER B 200 6.90 -3.65 8.54
C SER B 200 8.13 -2.81 8.89
N MET B 201 8.91 -2.36 7.90
CA MET B 201 10.04 -1.46 8.20
C MET B 201 9.63 0.04 8.27
N HIS B 202 8.32 0.31 8.13
CA HIS B 202 7.73 1.65 8.21
C HIS B 202 7.16 1.85 9.62
N ASP B 203 7.18 3.09 10.09
CA ASP B 203 6.62 3.45 11.38
C ASP B 203 5.12 3.67 11.23
N SER B 204 4.37 3.25 12.23
CA SER B 204 2.92 3.39 12.23
C SER B 204 2.49 4.34 13.30
N TYR B 205 3.14 4.26 14.49
CA TYR B 205 2.83 5.04 15.67
C TYR B 205 1.40 4.85 16.19
N THR B 206 0.83 3.64 16.07
CA THR B 206 -0.54 3.36 16.54
C THR B 206 -0.57 3.15 18.06
N LEU B 207 -1.65 3.58 18.72
CA LEU B 207 -1.80 3.39 20.14
C LEU B 207 -3.01 2.51 20.39
N VAL B 208 -2.78 1.35 21.01
CA VAL B 208 -3.84 0.43 21.41
C VAL B 208 -3.81 0.52 22.92
N GLU B 209 -4.85 1.14 23.50
CA GLU B 209 -4.85 1.43 24.93
C GLU B 209 -6.20 1.27 25.62
N ASN B 210 -6.21 0.74 26.87
CA ASN B 210 -7.39 0.60 27.70
C ASN B 210 -8.51 -0.19 27.07
N ASN B 211 -8.17 -1.21 26.28
CA ASN B 211 -9.16 -2.07 25.66
C ASN B 211 -9.20 -3.36 26.45
N ILE B 212 -10.30 -4.11 26.29
CA ILE B 212 -10.50 -5.44 26.87
C ILE B 212 -10.55 -6.38 25.69
N PHE B 213 -9.78 -7.47 25.73
CA PHE B 213 -9.72 -8.52 24.72
C PHE B 213 -10.18 -9.78 25.45
N ASP B 214 -11.50 -10.00 25.45
CA ASP B 214 -12.12 -11.08 26.17
C ASP B 214 -12.35 -12.32 25.35
N LYS B 215 -11.61 -13.40 25.66
CA LYS B 215 -11.77 -14.68 24.97
C LYS B 215 -11.52 -14.53 23.46
N CYS B 216 -10.50 -13.76 23.08
CA CYS B 216 -10.13 -13.55 21.69
C CYS B 216 -9.23 -14.72 21.33
N ASP B 217 -9.85 -15.77 20.78
CA ASP B 217 -9.20 -17.05 20.46
C ASP B 217 -9.03 -17.32 18.97
N GLY B 218 -9.16 -16.30 18.13
CA GLY B 218 -9.11 -16.46 16.68
C GLY B 218 -7.89 -17.18 16.15
N GLU B 219 -6.75 -16.90 16.75
CA GLU B 219 -5.49 -17.53 16.35
C GLU B 219 -4.38 -17.21 17.36
N MET B 220 -3.19 -17.82 17.14
CA MET B 220 -1.97 -17.65 17.93
C MET B 220 -1.74 -16.19 18.30
N GLU B 221 -1.94 -15.26 17.38
CA GLU B 221 -1.72 -13.85 17.66
C GLU B 221 -3.03 -13.12 17.92
N ILE B 222 -3.23 -12.61 19.14
CA ILE B 222 -4.39 -11.78 19.44
C ILE B 222 -4.10 -10.42 18.77
N ILE B 223 -2.88 -9.89 19.00
CA ILE B 223 -2.40 -8.67 18.39
C ILE B 223 -1.14 -9.03 17.61
N SER B 224 -1.09 -8.61 16.35
CA SER B 224 0.06 -8.86 15.49
C SER B 224 0.68 -7.54 15.07
N LEU B 225 1.82 -7.20 15.66
CA LEU B 225 2.52 -5.96 15.32
C LEU B 225 3.46 -6.23 14.17
N LYS B 226 3.18 -5.62 13.00
CA LYS B 226 3.94 -5.75 11.75
C LYS B 226 4.28 -4.39 11.13
N SER B 227 4.85 -3.50 11.92
CA SER B 227 5.28 -2.14 11.63
C SER B 227 6.00 -1.61 12.91
N GLY B 228 6.56 -0.40 12.85
CA GLY B 228 7.31 0.17 13.97
C GLY B 228 6.69 1.31 14.76
N HIS B 229 7.30 1.61 15.90
CA HIS B 229 6.91 2.66 16.84
C HIS B 229 5.44 2.62 17.32
N ASN B 230 4.84 1.39 17.43
CA ASN B 230 3.48 1.20 17.94
C ASN B 230 3.53 1.05 19.47
N THR B 231 2.41 1.30 20.16
CA THR B 231 2.31 1.15 21.60
C THR B 231 1.03 0.44 22.02
N VAL B 232 1.19 -0.72 22.64
CA VAL B 232 0.08 -1.47 23.20
C VAL B 232 0.23 -1.26 24.72
N ASN B 233 -0.58 -0.33 25.26
CA ASN B 233 -0.50 0.12 26.65
C ASN B 233 -1.72 -0.07 27.49
N ASN B 234 -1.56 -0.68 28.65
CA ASN B 234 -2.62 -0.78 29.65
C ASN B 234 -3.93 -1.38 29.12
N ASN B 235 -3.85 -2.58 28.56
CA ASN B 235 -5.04 -3.30 28.07
C ASN B 235 -5.22 -4.59 28.88
N LEU B 236 -6.42 -5.19 28.81
CA LEU B 236 -6.69 -6.49 29.43
C LEU B 236 -6.88 -7.52 28.32
N PHE B 237 -6.23 -8.68 28.47
CA PHE B 237 -6.32 -9.82 27.59
C PHE B 237 -6.82 -10.89 28.53
N TYR B 238 -8.13 -11.02 28.63
CA TYR B 238 -8.81 -11.92 29.53
C TYR B 238 -9.11 -13.29 28.92
N GLU B 239 -8.49 -14.35 29.43
CA GLU B 239 -8.73 -15.73 28.97
C GLU B 239 -8.60 -15.83 27.42
N CYS B 240 -7.48 -15.33 26.88
CA CYS B 240 -7.29 -15.30 25.42
C CYS B 240 -6.45 -16.44 24.97
N ASP B 241 -6.97 -17.22 24.02
CA ASP B 241 -6.20 -18.30 23.45
C ASP B 241 -5.29 -17.69 22.40
N GLY B 242 -4.17 -17.15 22.85
CA GLY B 242 -3.24 -16.50 21.96
C GLY B 242 -2.17 -15.73 22.72
N THR B 243 -1.46 -14.85 22.00
CA THR B 243 -0.34 -14.05 22.49
C THR B 243 -0.38 -12.64 21.91
N VAL B 244 0.35 -11.70 22.52
CA VAL B 244 0.53 -10.37 21.95
C VAL B 244 1.88 -10.51 21.28
N THR B 245 1.90 -10.56 19.94
CA THR B 245 3.15 -10.77 19.23
C THR B 245 3.71 -9.55 18.49
N PHE B 246 5.02 -9.36 18.64
CA PHE B 246 5.86 -8.42 17.94
C PHE B 246 6.30 -9.21 16.67
N ARG B 247 5.40 -9.34 15.67
CA ARG B 247 5.68 -10.12 14.46
C ARG B 247 6.79 -9.53 13.55
N HIS B 248 6.56 -8.35 12.98
CA HIS B 248 7.58 -7.71 12.14
C HIS B 248 7.74 -6.25 12.59
N GLY B 249 8.95 -5.72 12.46
CA GLY B 249 9.19 -4.33 12.81
C GLY B 249 9.98 -4.13 14.06
N ASN B 250 10.30 -2.86 14.32
CA ASN B 250 11.16 -2.46 15.41
C ASN B 250 10.56 -1.34 16.25
N TYR B 251 11.17 -1.00 17.42
CA TYR B 251 10.75 0.10 18.30
C TYR B 251 9.29 0.07 18.77
N ASN B 252 8.78 -1.13 19.04
CA ASN B 252 7.43 -1.28 19.56
C ASN B 252 7.47 -1.38 21.09
N THR B 253 6.36 -1.07 21.72
CA THR B 253 6.22 -1.12 23.15
C THR B 253 4.96 -1.86 23.54
N VAL B 254 5.11 -2.77 24.50
CA VAL B 254 4.03 -3.54 25.10
C VAL B 254 4.19 -3.29 26.59
N SER B 255 3.36 -2.40 27.14
CA SER B 255 3.51 -1.96 28.51
C SER B 255 2.22 -1.87 29.30
N ASN B 256 2.37 -2.08 30.61
CA ASN B 256 1.34 -1.92 31.63
C ASN B 256 0.06 -2.71 31.34
N ASN B 257 0.16 -3.78 30.54
CA ASN B 257 -0.97 -4.62 30.17
C ASN B 257 -1.22 -5.72 31.18
N TYR B 258 -2.41 -6.27 31.18
CA TYR B 258 -2.80 -7.37 32.03
C TYR B 258 -3.17 -8.47 31.12
N ILE B 259 -2.42 -9.56 31.13
CA ILE B 259 -2.78 -10.74 30.35
C ILE B 259 -3.16 -11.75 31.41
N LEU B 260 -4.46 -11.91 31.63
CA LEU B 260 -4.96 -12.77 32.69
C LEU B 260 -5.73 -13.94 32.09
N GLY B 261 -5.04 -15.05 31.90
CA GLY B 261 -5.58 -16.24 31.28
C GLY B 261 -6.50 -17.07 32.13
N ASN B 262 -6.50 -16.85 33.44
CA ASN B 262 -7.37 -17.53 34.40
C ASN B 262 -7.19 -19.07 34.41
N GLY B 263 -5.97 -19.53 34.14
CA GLY B 263 -5.66 -20.95 34.03
C GLY B 263 -6.13 -21.60 32.73
N LYS B 264 -6.78 -20.82 31.85
CA LYS B 264 -7.32 -21.31 30.58
C LYS B 264 -6.23 -21.83 29.66
N LYS B 265 -6.49 -22.95 29.00
CA LYS B 265 -5.61 -23.66 28.10
C LYS B 265 -5.00 -22.78 27.00
N ASN B 266 -3.66 -22.89 26.85
CA ASN B 266 -2.88 -22.19 25.85
C ASN B 266 -2.91 -20.68 25.94
N THR B 267 -3.33 -20.10 27.07
CA THR B 267 -3.29 -18.63 27.23
C THR B 267 -1.82 -18.25 27.27
N GLY B 268 -1.41 -17.48 26.28
CA GLY B 268 -0.02 -17.11 26.14
C GLY B 268 0.27 -15.68 26.50
N GLY B 269 1.53 -15.36 26.59
CA GLY B 269 1.95 -14.02 26.96
C GLY B 269 2.29 -13.08 25.82
N ILE B 270 3.52 -12.58 25.85
CA ILE B 270 4.04 -11.60 24.90
C ILE B 270 5.21 -12.22 24.13
N ARG B 271 5.07 -12.38 22.81
CA ARG B 271 6.06 -12.98 21.95
C ARG B 271 6.87 -11.91 21.23
N ILE B 272 8.20 -11.94 21.41
CA ILE B 272 9.14 -10.97 20.88
C ILE B 272 9.98 -11.50 19.73
N ILE B 273 9.95 -10.76 18.61
CA ILE B 273 10.70 -10.97 17.38
C ILE B 273 11.08 -9.55 16.93
N GLY B 274 12.28 -9.35 16.39
CA GLY B 274 12.67 -8.03 15.90
C GLY B 274 13.51 -7.20 16.85
N GLU B 275 13.72 -5.93 16.55
CA GLU B 275 14.67 -5.10 17.30
C GLU B 275 14.13 -3.95 18.13
N ASN B 276 14.89 -3.58 19.17
CA ASN B 276 14.63 -2.45 20.06
C ASN B 276 13.19 -2.39 20.61
N HIS B 277 12.71 -3.52 21.15
CA HIS B 277 11.35 -3.58 21.72
C HIS B 277 11.34 -3.40 23.25
N LYS B 278 10.31 -2.75 23.78
CA LYS B 278 10.19 -2.50 25.21
C LYS B 278 8.98 -3.21 25.75
N VAL B 279 9.20 -4.10 26.69
CA VAL B 279 8.16 -4.89 27.32
C VAL B 279 8.29 -4.54 28.76
N PHE B 280 7.40 -3.68 29.30
CA PHE B 280 7.52 -3.26 30.70
C PHE B 280 6.21 -3.07 31.44
N GLY B 281 6.24 -3.33 32.74
CA GLY B 281 5.10 -3.12 33.61
C GLY B 281 3.88 -3.99 33.42
N ASN B 282 4.03 -5.13 32.71
CA ASN B 282 2.91 -6.04 32.45
C ASN B 282 2.68 -7.01 33.57
N TYR B 283 1.42 -7.43 33.74
CA TYR B 283 0.98 -8.40 34.70
C TYR B 283 0.58 -9.62 33.85
N LEU B 284 1.36 -10.70 33.90
CA LEU B 284 1.20 -11.89 33.07
C LEU B 284 0.86 -13.03 34.02
N GLN B 285 -0.41 -13.18 34.34
CA GLN B 285 -0.83 -14.05 35.41
C GLN B 285 -1.90 -15.08 35.05
N GLY B 286 -1.71 -16.31 35.53
CA GLY B 286 -2.61 -17.43 35.29
C GLY B 286 -2.51 -17.97 33.88
N LEU B 287 -1.31 -17.86 33.28
CA LEU B 287 -1.10 -18.28 31.90
C LEU B 287 -0.72 -19.76 31.84
N ASP B 288 -1.25 -20.44 30.84
CA ASP B 288 -1.02 -21.86 30.64
C ASP B 288 -0.01 -22.17 29.52
N GLY B 289 0.34 -21.17 28.71
CA GLY B 289 1.22 -21.36 27.58
C GLY B 289 2.68 -21.58 27.91
N SER B 290 3.39 -22.19 26.97
CA SER B 290 4.83 -22.43 27.03
C SER B 290 5.44 -22.27 25.62
N GLY B 291 6.77 -22.24 25.53
CA GLY B 291 7.49 -22.05 24.28
C GLY B 291 7.20 -20.71 23.63
N LEU B 292 6.46 -20.77 22.52
CA LEU B 292 6.01 -19.56 21.79
C LEU B 292 4.92 -18.83 22.60
N ARG B 293 4.14 -19.55 23.44
CA ARG B 293 3.09 -18.94 24.27
C ARG B 293 3.51 -18.69 25.75
N ALA B 294 4.82 -18.68 26.06
CA ALA B 294 5.33 -18.40 27.41
C ALA B 294 4.91 -16.98 27.80
N ALA B 295 4.91 -16.63 29.10
CA ALA B 295 4.51 -15.27 29.52
C ALA B 295 5.32 -14.20 28.82
N ILE B 296 6.61 -14.46 28.66
CA ILE B 296 7.52 -13.64 27.88
C ILE B 296 8.29 -14.63 27.04
N SER B 297 7.97 -14.68 25.76
CA SER B 297 8.62 -15.57 24.80
C SER B 297 9.56 -14.73 23.96
N ILE B 298 10.87 -15.02 23.99
CA ILE B 298 11.86 -14.26 23.21
C ILE B 298 12.30 -15.17 22.08
N MET B 299 11.85 -14.95 20.84
CA MET B 299 12.13 -15.87 19.74
C MET B 299 13.57 -15.89 19.15
N SER B 300 13.88 -17.04 18.55
CA SER B 300 15.05 -17.32 17.72
C SER B 300 14.64 -16.92 16.27
N ALA B 301 15.63 -16.58 15.40
CA ALA B 301 15.30 -16.13 14.05
C ALA B 301 16.26 -16.65 12.94
N LEU B 302 15.93 -16.42 11.64
CA LEU B 302 16.73 -16.85 10.49
C LEU B 302 17.86 -15.87 10.20
N GLU B 303 18.96 -16.35 9.55
CA GLU B 303 20.16 -15.57 9.16
C GLU B 303 19.88 -14.36 8.23
N LYS B 304 19.36 -14.61 7.02
CA LYS B 304 19.06 -13.55 6.05
C LYS B 304 17.56 -13.60 5.73
N PRO B 305 16.73 -13.00 6.61
CA PRO B 305 15.29 -13.11 6.41
C PRO B 305 14.67 -12.09 5.48
N GLN B 306 13.71 -12.57 4.72
CA GLN B 306 12.86 -11.70 3.92
C GLN B 306 11.90 -11.00 4.94
N LEU B 307 11.16 -9.99 4.50
CA LEU B 307 10.27 -9.26 5.40
C LEU B 307 9.29 -10.16 6.18
N HIS B 308 8.63 -11.10 5.48
CA HIS B 308 7.66 -12.04 6.04
C HIS B 308 8.23 -13.12 6.96
N GLU B 309 9.56 -13.21 7.10
CA GLU B 309 10.20 -14.24 7.91
C GLU B 309 10.45 -13.76 9.38
N TYR B 310 11.61 -14.07 10.00
CA TYR B 310 11.88 -13.76 11.40
C TYR B 310 13.16 -12.95 11.52
N PHE B 311 13.11 -11.84 12.28
CA PHE B 311 14.27 -10.97 12.49
C PHE B 311 14.80 -11.16 13.91
N GLN B 312 16.14 -11.30 14.06
CA GLN B 312 16.77 -11.56 15.36
C GLN B 312 16.36 -10.56 16.43
N VAL B 313 16.10 -11.07 17.65
CA VAL B 313 15.77 -10.19 18.77
C VAL B 313 17.03 -9.45 19.19
N ILE B 314 17.07 -8.14 18.96
CA ILE B 314 18.25 -7.36 19.29
C ILE B 314 17.84 -6.25 20.23
N ASN B 315 18.55 -6.10 21.35
CA ASN B 315 18.29 -5.09 22.36
C ASN B 315 16.83 -5.07 22.88
N PRO B 316 16.28 -6.22 23.36
CA PRO B 316 14.95 -6.17 24.00
C PRO B 316 15.12 -5.65 25.43
N GLN B 317 14.22 -4.77 25.85
CA GLN B 317 14.27 -4.20 27.17
C GLN B 317 13.05 -4.71 27.89
N ILE B 318 13.25 -5.74 28.72
CA ILE B 318 12.18 -6.40 29.47
C ILE B 318 12.32 -6.08 30.94
N VAL B 319 11.50 -5.13 31.44
CA VAL B 319 11.63 -4.63 32.83
C VAL B 319 10.28 -4.46 33.59
N GLY B 320 10.26 -4.73 34.89
CA GLY B 320 9.10 -4.51 35.74
C GLY B 320 7.85 -5.34 35.52
N ASN B 321 7.99 -6.50 34.90
CA ASN B 321 6.84 -7.37 34.63
C ASN B 321 6.62 -8.32 35.78
N ILE B 322 5.36 -8.53 36.17
CA ILE B 322 5.02 -9.47 37.23
C ILE B 322 4.31 -10.70 36.65
N ILE B 323 5.03 -11.82 36.59
CA ILE B 323 4.51 -13.10 36.12
C ILE B 323 4.06 -13.89 37.34
N ALA B 324 2.78 -14.26 37.41
CA ALA B 324 2.29 -15.02 38.56
C ALA B 324 1.41 -16.20 38.16
N ASP B 325 1.35 -17.27 38.99
CA ASP B 325 0.47 -18.42 38.79
C ASP B 325 0.47 -19.00 37.36
N SER B 326 1.65 -19.07 36.73
CA SER B 326 1.73 -19.49 35.33
C SER B 326 2.53 -20.78 35.09
N LYS B 327 2.42 -21.35 33.87
CA LYS B 327 3.17 -22.55 33.54
C LYS B 327 4.64 -22.18 33.30
N GLU B 328 4.91 -21.27 32.36
CA GLU B 328 6.25 -20.89 31.99
C GLU B 328 6.41 -19.38 31.80
N GLY B 329 7.26 -18.78 32.63
CA GLY B 329 7.53 -17.35 32.65
C GLY B 329 8.33 -16.83 31.47
N ILE B 330 9.66 -17.07 31.46
CA ILE B 330 10.50 -16.60 30.38
C ILE B 330 11.04 -17.73 29.51
N ASP B 331 10.94 -17.59 28.19
CA ASP B 331 11.54 -18.56 27.28
C ASP B 331 12.51 -17.83 26.38
N ILE B 332 13.82 -17.95 26.66
CA ILE B 332 14.85 -17.29 25.87
C ILE B 332 15.20 -18.16 24.68
N GLY B 333 14.99 -17.63 23.48
CA GLY B 333 15.30 -18.33 22.25
C GLY B 333 14.24 -19.29 21.75
N ALA B 334 12.96 -19.04 22.07
CA ALA B 334 11.83 -19.87 21.60
C ALA B 334 11.72 -20.02 20.05
N GLY B 335 11.28 -21.19 19.61
CA GLY B 335 11.10 -21.49 18.19
C GLY B 335 12.33 -21.97 17.46
N LYS B 336 13.45 -22.18 18.18
CA LYS B 336 14.72 -22.62 17.58
C LYS B 336 14.60 -23.89 16.76
N ASN B 337 15.07 -23.84 15.49
CA ASN B 337 15.08 -25.00 14.59
C ASN B 337 16.30 -24.92 13.61
N GLU B 338 16.22 -25.47 12.38
CA GLU B 338 17.34 -25.45 11.44
C GLU B 338 17.60 -24.07 10.89
N LYS B 339 16.54 -23.38 10.48
CA LYS B 339 16.65 -22.03 9.92
C LYS B 339 16.68 -21.00 11.05
N ARG B 340 15.89 -21.22 12.11
CA ARG B 340 15.84 -20.28 13.23
C ARG B 340 16.90 -20.58 14.28
N MET B 341 18.16 -20.32 13.95
CA MET B 341 19.27 -20.58 14.86
C MET B 341 19.77 -19.32 15.56
N LEU B 342 19.50 -18.11 15.01
CA LEU B 342 19.97 -16.88 15.64
C LEU B 342 19.33 -16.60 17.00
N PRO B 343 20.16 -16.53 18.05
CA PRO B 343 19.62 -16.29 19.39
C PRO B 343 19.39 -14.81 19.70
N PRO B 344 18.51 -14.48 20.67
CA PRO B 344 18.34 -13.06 21.04
C PRO B 344 19.66 -12.47 21.54
N LYS B 345 19.97 -11.24 21.15
CA LYS B 345 21.21 -10.60 21.54
C LYS B 345 21.00 -9.22 22.10
N ASP B 346 21.87 -8.84 23.03
CA ASP B 346 21.88 -7.56 23.69
C ASP B 346 20.57 -7.29 24.48
N GLY B 347 20.44 -6.09 25.02
CA GLY B 347 19.30 -5.76 25.85
C GLY B 347 19.45 -6.32 27.25
N PHE B 348 18.37 -6.24 28.00
CA PHE B 348 18.38 -6.68 29.38
C PHE B 348 17.01 -7.20 29.81
N LEU B 349 17.03 -8.09 30.80
CA LEU B 349 15.90 -8.73 31.44
C LEU B 349 16.13 -8.37 32.91
N LYS B 350 15.57 -7.25 33.36
CA LYS B 350 15.77 -6.76 34.71
C LYS B 350 14.47 -6.49 35.46
N ASN B 351 14.55 -6.51 36.81
CA ASN B 351 13.49 -6.15 37.74
C ASN B 351 12.12 -6.77 37.46
N ASN B 352 12.11 -8.01 37.03
CA ASN B 352 10.90 -8.75 36.77
C ASN B 352 10.63 -9.67 37.97
N TYR B 353 9.37 -9.98 38.23
CA TYR B 353 8.98 -10.88 39.31
C TYR B 353 8.37 -12.14 38.69
N VAL B 354 8.73 -13.32 39.20
CA VAL B 354 8.19 -14.59 38.71
C VAL B 354 7.77 -15.41 39.93
N ILE B 355 6.48 -15.39 40.27
CA ILE B 355 5.96 -16.07 41.44
C ILE B 355 4.97 -17.16 41.08
N ASN B 356 4.92 -18.24 41.90
CA ASN B 356 4.06 -19.42 41.74
C ASN B 356 3.98 -19.90 40.30
N THR B 357 5.12 -19.95 39.60
CA THR B 357 5.21 -20.34 38.19
C THR B 357 6.05 -21.60 38.09
N ARG B 358 5.55 -22.66 37.42
CA ARG B 358 6.25 -23.94 37.37
C ARG B 358 7.66 -23.83 36.78
N THR B 359 7.80 -23.09 35.66
CA THR B 359 9.08 -22.85 35.02
C THR B 359 9.34 -21.35 35.04
N VAL B 360 10.38 -20.92 35.77
CA VAL B 360 10.70 -19.52 35.87
C VAL B 360 11.34 -19.05 34.58
N ILE B 361 12.33 -19.81 34.09
CA ILE B 361 13.08 -19.47 32.92
C ILE B 361 13.57 -20.69 32.15
N LYS B 362 13.20 -20.77 30.88
CA LYS B 362 13.58 -21.81 29.94
C LYS B 362 14.55 -21.20 28.93
N THR B 363 15.58 -21.96 28.54
CA THR B 363 16.53 -21.50 27.54
C THR B 363 16.56 -22.46 26.40
N GLU B 364 15.99 -22.08 25.25
CA GLU B 364 16.06 -22.92 24.06
C GLU B 364 17.29 -22.58 23.21
N ASN B 365 17.77 -21.33 23.30
CA ASN B 365 18.91 -20.83 22.55
C ASN B 365 19.64 -19.85 23.44
N GLU B 366 20.91 -20.09 23.73
CA GLU B 366 21.71 -19.21 24.58
C GLU B 366 21.80 -17.79 24.02
N PRO B 367 21.31 -16.79 24.77
CA PRO B 367 21.37 -15.40 24.28
C PRO B 367 22.78 -14.81 24.31
N GLU B 368 23.06 -13.91 23.37
CA GLU B 368 24.36 -13.27 23.28
C GLU B 368 24.31 -11.86 23.90
N GLY B 369 24.83 -11.72 25.10
CA GLY B 369 24.90 -10.41 25.76
C GLY B 369 23.59 -9.87 26.29
N LEU B 370 22.66 -10.78 26.57
CA LEU B 370 21.38 -10.43 27.17
C LEU B 370 21.64 -10.40 28.68
N LEU B 371 21.63 -9.23 29.25
CA LEU B 371 21.89 -9.05 30.67
C LEU B 371 20.69 -9.47 31.55
N ILE B 372 20.86 -10.52 32.33
CA ILE B 372 19.81 -10.98 33.24
C ILE B 372 20.24 -10.65 34.67
N GLU B 373 19.61 -9.64 35.27
CA GLU B 373 19.95 -9.24 36.62
C GLU B 373 18.80 -8.59 37.35
N ASN B 374 18.81 -8.67 38.70
CA ASN B 374 17.89 -8.05 39.65
C ASN B 374 16.44 -8.46 39.49
N ASN B 375 16.23 -9.73 39.12
CA ASN B 375 14.89 -10.28 38.97
C ASN B 375 14.54 -11.03 40.26
N GLN B 376 13.27 -11.03 40.67
CA GLN B 376 12.88 -11.70 41.90
C GLN B 376 11.98 -12.92 41.67
N THR B 377 12.24 -14.03 42.37
CA THR B 377 11.39 -15.21 42.28
C THR B 377 11.25 -15.94 43.61
N ASP B 378 10.14 -16.64 43.78
CA ASP B 378 9.88 -17.44 44.97
C ASP B 378 10.38 -18.90 44.82
N ALA B 379 10.95 -19.24 43.66
CA ALA B 379 11.53 -20.52 43.31
C ALA B 379 12.61 -20.88 44.32
N SER B 380 12.66 -22.14 44.75
CA SER B 380 13.69 -22.60 45.68
C SER B 380 15.09 -22.58 45.00
N SER B 381 15.12 -22.82 43.68
CA SER B 381 16.31 -22.81 42.83
C SER B 381 16.37 -21.46 42.09
N LEU B 382 17.38 -20.64 42.38
CA LEU B 382 17.53 -19.35 41.71
C LEU B 382 18.40 -19.46 40.47
N PRO B 383 17.79 -19.22 39.28
CA PRO B 383 18.61 -19.16 38.07
C PRO B 383 19.38 -17.83 38.12
N LYS B 384 20.58 -17.77 37.51
CA LYS B 384 21.42 -16.57 37.45
C LYS B 384 20.60 -15.28 37.11
N GLY B 385 20.82 -14.21 37.86
CA GLY B 385 20.09 -12.98 37.68
C GLY B 385 18.78 -12.91 38.45
N PHE B 386 18.48 -13.94 39.25
CA PHE B 386 17.29 -14.00 40.08
C PHE B 386 17.68 -14.09 41.56
N THR B 387 16.92 -13.43 42.43
CA THR B 387 17.07 -13.47 43.88
C THR B 387 15.70 -13.84 44.51
N LYS B 388 15.68 -14.17 45.83
CA LYS B 388 14.41 -14.42 46.51
C LYS B 388 13.56 -13.13 46.50
N VAL B 389 12.22 -13.25 46.65
CA VAL B 389 11.37 -12.05 46.63
C VAL B 389 11.68 -11.19 47.87
N GLY B 390 12.11 -9.96 47.62
CA GLY B 390 12.45 -9.00 48.66
C GLY B 390 11.40 -7.92 48.83
N SER B 391 10.67 -7.59 47.75
CA SER B 391 9.61 -6.59 47.79
C SER B 391 8.29 -7.17 48.28
N ASP B 392 7.51 -6.40 49.04
CA ASP B 392 6.20 -6.83 49.51
C ASP B 392 5.26 -6.87 48.32
N LEU B 393 4.54 -7.98 48.17
CA LEU B 393 3.54 -8.12 47.11
C LEU B 393 2.15 -8.11 47.72
N VAL B 394 1.15 -7.78 46.92
CA VAL B 394 -0.23 -7.71 47.36
C VAL B 394 -1.12 -8.29 46.23
N LYS B 395 -2.23 -8.95 46.57
CA LYS B 395 -3.14 -9.45 45.57
C LYS B 395 -4.39 -8.60 45.66
N SER B 396 -4.44 -7.53 44.86
CA SER B 396 -5.53 -6.56 44.88
C SER B 396 -6.21 -6.63 43.55
N ASP B 397 -7.57 -6.67 43.57
CA ASP B 397 -8.43 -6.84 42.40
C ASP B 397 -8.10 -8.10 41.59
N GLY B 398 -7.68 -9.15 42.29
CA GLY B 398 -7.31 -10.42 41.66
C GLY B 398 -5.95 -10.44 41.01
N ILE B 399 -5.18 -9.36 41.13
CA ILE B 399 -3.85 -9.28 40.49
C ILE B 399 -2.70 -9.11 41.48
N TRP B 400 -1.65 -9.92 41.36
CA TRP B 400 -0.44 -9.75 42.15
C TRP B 400 0.28 -8.51 41.65
N GLN B 401 0.49 -7.58 42.56
CA GLN B 401 1.12 -6.29 42.30
C GLN B 401 2.13 -5.99 43.40
N LYS B 402 3.02 -5.02 43.18
CA LYS B 402 3.98 -4.56 44.19
C LYS B 402 3.14 -3.79 45.20
N LYS B 403 3.33 -4.03 46.50
CA LYS B 403 2.58 -3.33 47.53
C LYS B 403 2.74 -1.80 47.44
N ASN B 404 3.89 -1.32 46.98
CA ASN B 404 4.11 0.12 46.80
C ASN B 404 3.58 0.67 45.44
N ASP B 405 3.15 -0.22 44.53
CA ASP B 405 2.65 0.17 43.21
C ASP B 405 1.22 -0.35 42.92
N VAL B 406 0.46 -0.66 43.98
CA VAL B 406 -0.90 -1.16 43.84
C VAL B 406 -1.82 -0.10 43.21
N LYS B 407 -2.58 -0.51 42.19
CA LYS B 407 -3.47 0.38 41.45
C LYS B 407 -4.75 -0.34 41.10
N THR B 408 -5.84 0.41 40.88
CA THR B 408 -7.10 -0.20 40.46
C THR B 408 -7.00 -0.39 38.94
N PRO B 409 -7.14 -1.62 38.43
CA PRO B 409 -7.09 -1.80 36.97
C PRO B 409 -8.16 -0.98 36.25
N PHE B 410 -7.77 -0.35 35.14
CA PHE B 410 -8.55 0.57 34.37
C PHE B 410 -10.03 0.16 34.15
N TRP B 411 -10.29 -1.13 33.94
CA TRP B 411 -11.65 -1.58 33.63
C TRP B 411 -12.59 -1.54 34.82
N LYS B 412 -12.06 -1.42 36.04
CA LYS B 412 -12.87 -1.32 37.24
C LYS B 412 -13.38 0.13 37.43
N LYS B 413 -12.62 1.14 36.95
CA LYS B 413 -12.97 2.55 37.11
C LYS B 413 -13.31 3.29 35.82
N GLU B 414 -13.37 2.59 34.69
CA GLU B 414 -13.72 3.23 33.42
C GLU B 414 -14.73 2.42 32.64
N LYS B 415 -15.49 3.08 31.77
CA LYS B 415 -16.42 2.38 30.89
C LYS B 415 -15.66 1.83 29.67
N ILE B 416 -15.78 0.53 29.40
CA ILE B 416 -15.18 -0.09 28.24
C ILE B 416 -16.33 -0.52 27.31
N GLY B 417 -16.21 -0.22 26.01
CA GLY B 417 -17.26 -0.51 25.04
C GLY B 417 -18.29 0.61 25.01
N PRO B 418 -19.39 0.40 24.25
CA PRO B 418 -20.42 1.44 24.14
C PRO B 418 -20.95 2.03 25.44
N GLU B 419 -21.20 3.33 25.45
CA GLU B 419 -21.73 4.02 26.62
C GLU B 419 -23.14 3.54 26.96
N TRP B 420 -23.95 3.35 25.94
CA TRP B 420 -25.34 2.92 26.06
C TRP B 420 -25.53 1.47 26.54
N ASN B 421 -24.44 0.67 26.59
CA ASN B 421 -24.47 -0.74 26.97
C ASN B 421 -23.94 -0.97 28.40
N ASN B 422 -24.12 -2.19 28.95
CA ASN B 422 -23.67 -2.54 30.30
C ASN B 422 -23.51 -4.07 30.42
#